data_7YAB
#
_entry.id   7YAB
#
loop_
_entity.id
_entity.type
_entity.pdbx_description
1 polymer 'AN1-type zinc finger protein 1'
2 non-polymer 'ZINC ION'
#
_entity_poly.entity_id   1
_entity_poly.type   'polypeptide(L)'
_entity_poly.pdbx_seq_one_letter_code
;GGSGQHCQVEHCRQRDFLPFVCDDCSGIFCLEHRSRESHGCPEV
;
_entity_poly.pdbx_strand_id   A
#
loop_
_chem_comp.id
_chem_comp.type
_chem_comp.name
_chem_comp.formula
ZN non-polymer 'ZINC ION' 'Zn 2'
#
# COMPACT_ATOMS: atom_id res chain seq x y z
N GLY A 1 -7.95 -0.65 11.04
CA GLY A 1 -8.48 -0.25 12.34
C GLY A 1 -9.97 0.01 12.29
N GLY A 2 -10.40 0.88 11.38
CA GLY A 2 -11.80 1.21 11.25
C GLY A 2 -12.14 1.80 9.90
N SER A 3 -11.72 1.13 8.83
CA SER A 3 -11.98 1.59 7.48
C SER A 3 -11.43 2.99 7.28
N GLY A 4 -10.21 3.23 7.76
CA GLY A 4 -9.60 4.52 7.63
C GLY A 4 -8.54 4.55 6.54
N GLN A 5 -7.76 3.48 6.45
CA GLN A 5 -6.70 3.38 5.45
C GLN A 5 -6.61 1.97 4.88
N HIS A 6 -6.62 1.88 3.55
CA HIS A 6 -6.55 0.58 2.89
C HIS A 6 -5.60 0.64 1.70
N CYS A 7 -4.86 -0.44 1.47
CA CYS A 7 -3.92 -0.51 0.36
C CYS A 7 -4.60 -0.13 -0.96
N GLN A 8 -4.02 0.83 -1.66
CA GLN A 8 -4.57 1.29 -2.93
C GLN A 8 -4.76 0.12 -3.89
N VAL A 9 -3.77 -0.76 -3.95
CA VAL A 9 -3.83 -1.93 -4.82
C VAL A 9 -5.01 -2.83 -4.46
N GLU A 10 -6.06 -2.75 -5.27
CA GLU A 10 -7.26 -3.56 -5.05
C GLU A 10 -6.90 -5.04 -4.95
N HIS A 11 -5.85 -5.45 -5.65
CA HIS A 11 -5.40 -6.84 -5.63
C HIS A 11 -5.02 -7.27 -4.22
N CYS A 12 -4.51 -6.33 -3.44
CA CYS A 12 -4.10 -6.62 -2.06
C CYS A 12 -5.22 -7.33 -1.30
N ARG A 13 -4.86 -7.97 -0.19
CA ARG A 13 -5.83 -8.69 0.62
C ARG A 13 -6.55 -7.75 1.58
N GLN A 14 -7.63 -8.22 2.17
CA GLN A 14 -8.42 -7.41 3.11
C GLN A 14 -7.81 -7.46 4.50
N ARG A 15 -7.18 -8.58 4.83
CA ARG A 15 -6.56 -8.77 6.14
C ARG A 15 -5.69 -7.57 6.49
N ASP A 16 -5.41 -7.41 7.78
CA ASP A 16 -4.57 -6.31 8.25
C ASP A 16 -3.27 -6.23 7.47
N PHE A 17 -2.75 -5.02 7.30
CA PHE A 17 -1.51 -4.81 6.58
C PHE A 17 -0.71 -3.66 7.19
N LEU A 18 0.49 -3.44 6.67
CA LEU A 18 1.36 -2.37 7.16
C LEU A 18 1.01 -1.05 6.50
N PRO A 19 0.52 -0.10 7.31
CA PRO A 19 0.13 1.24 6.82
C PRO A 19 1.34 2.07 6.42
N PHE A 20 1.77 1.92 5.17
CA PHE A 20 2.91 2.66 4.66
C PHE A 20 2.52 3.46 3.41
N VAL A 21 2.38 4.77 3.59
CA VAL A 21 2.01 5.65 2.49
C VAL A 21 3.25 6.23 1.82
N CYS A 22 3.16 6.44 0.51
CA CYS A 22 4.28 6.99 -0.26
C CYS A 22 4.26 8.51 -0.24
N ASP A 23 5.40 9.12 0.05
CA ASP A 23 5.51 10.57 0.10
C ASP A 23 4.94 11.20 -1.16
N ASP A 24 5.29 10.62 -2.32
CA ASP A 24 4.82 11.13 -3.59
C ASP A 24 3.44 10.57 -3.92
N CYS A 25 3.22 9.31 -3.59
CA CYS A 25 1.95 8.65 -3.85
C CYS A 25 1.11 8.56 -2.57
N SER A 26 0.10 9.43 -2.47
CA SER A 26 -0.77 9.44 -1.30
C SER A 26 -1.37 8.06 -1.05
N GLY A 27 -1.60 7.32 -2.13
CA GLY A 27 -2.17 5.99 -2.00
C GLY A 27 -1.45 5.15 -0.96
N ILE A 28 -2.22 4.42 -0.17
CA ILE A 28 -1.66 3.57 0.87
C ILE A 28 -0.85 2.43 0.27
N PHE A 29 0.19 2.00 0.98
CA PHE A 29 1.06 0.92 0.51
C PHE A 29 1.49 0.05 1.68
N CYS A 30 1.81 -1.21 1.38
CA CYS A 30 2.24 -2.16 2.40
C CYS A 30 3.76 -2.34 2.36
N LEU A 31 4.31 -2.89 3.44
CA LEU A 31 5.75 -3.12 3.52
C LEU A 31 6.18 -4.25 2.59
N GLU A 32 5.36 -5.29 2.50
CA GLU A 32 5.65 -6.43 1.65
C GLU A 32 5.34 -6.11 0.19
N HIS A 33 4.25 -5.37 -0.02
CA HIS A 33 3.83 -4.99 -1.37
C HIS A 33 5.00 -4.40 -2.15
N ARG A 34 5.89 -3.70 -1.45
CA ARG A 34 7.05 -3.07 -2.08
C ARG A 34 7.86 -4.11 -2.86
N SER A 35 8.19 -5.22 -2.21
CA SER A 35 8.97 -6.28 -2.84
C SER A 35 8.27 -6.77 -4.11
N ARG A 36 6.95 -6.79 -4.08
CA ARG A 36 6.16 -7.24 -5.23
C ARG A 36 6.23 -6.23 -6.36
N GLU A 37 6.28 -4.95 -6.01
CA GLU A 37 6.35 -3.88 -7.01
C GLU A 37 5.07 -3.84 -7.84
N SER A 38 3.94 -4.10 -7.20
CA SER A 38 2.66 -4.10 -7.89
C SER A 38 2.16 -2.68 -8.12
N HIS A 39 2.63 -1.76 -7.28
CA HIS A 39 2.23 -0.35 -7.38
C HIS A 39 3.13 0.40 -8.37
N GLY A 40 4.40 0.02 -8.40
CA GLY A 40 5.35 0.66 -9.30
C GLY A 40 5.77 2.03 -8.80
N CYS A 41 6.12 2.12 -7.53
CA CYS A 41 6.55 3.38 -6.93
C CYS A 41 7.60 4.06 -7.81
N PRO A 42 7.53 5.40 -7.87
CA PRO A 42 8.47 6.20 -8.67
C PRO A 42 9.87 6.20 -8.08
N GLU A 43 9.96 6.08 -6.76
CA GLU A 43 11.25 6.08 -6.07
C GLU A 43 11.60 4.67 -5.62
N VAL A 44 11.24 3.67 -6.42
CA VAL A 44 11.51 2.28 -6.10
C VAL A 44 11.76 1.46 -7.36
ZN ZN B . -0.96 -3.81 -0.27
ZN ZN C . 4.34 4.93 -4.23
N GLY A 1 -15.71 7.87 15.64
CA GLY A 1 -16.02 8.34 14.30
C GLY A 1 -16.15 7.21 13.30
N GLY A 2 -15.26 7.19 12.32
CA GLY A 2 -15.29 6.14 11.30
C GLY A 2 -14.16 6.25 10.32
N SER A 3 -12.98 5.78 10.72
CA SER A 3 -11.80 5.83 9.87
C SER A 3 -11.65 4.54 9.06
N GLY A 4 -10.82 4.58 8.03
CA GLY A 4 -10.61 3.41 7.20
C GLY A 4 -9.47 3.59 6.22
N GLN A 5 -8.49 2.70 6.26
CA GLN A 5 -7.34 2.77 5.37
C GLN A 5 -6.96 1.38 4.87
N HIS A 6 -7.15 1.14 3.57
CA HIS A 6 -6.81 -0.15 2.97
C HIS A 6 -5.86 0.04 1.80
N CYS A 7 -5.06 -0.99 1.54
CA CYS A 7 -4.09 -0.94 0.44
C CYS A 7 -4.77 -0.54 -0.86
N GLN A 8 -4.24 0.49 -1.50
CA GLN A 8 -4.79 0.97 -2.77
C GLN A 8 -4.95 -0.16 -3.77
N VAL A 9 -3.92 -1.01 -3.86
CA VAL A 9 -3.95 -2.15 -4.77
C VAL A 9 -5.11 -3.09 -4.45
N GLU A 10 -6.15 -3.04 -5.27
CA GLU A 10 -7.31 -3.90 -5.07
C GLU A 10 -6.91 -5.37 -4.99
N HIS A 11 -5.83 -5.71 -5.68
CA HIS A 11 -5.33 -7.08 -5.69
C HIS A 11 -4.95 -7.53 -4.28
N CYS A 12 -4.48 -6.60 -3.47
CA CYS A 12 -4.08 -6.89 -2.10
C CYS A 12 -5.19 -7.64 -1.36
N ARG A 13 -4.84 -8.26 -0.24
CA ARG A 13 -5.81 -9.00 0.56
C ARG A 13 -6.50 -8.09 1.56
N GLN A 14 -7.56 -8.59 2.18
CA GLN A 14 -8.32 -7.83 3.16
C GLN A 14 -7.66 -7.91 4.54
N ARG A 15 -7.01 -9.03 4.80
CA ARG A 15 -6.35 -9.24 6.09
C ARG A 15 -5.47 -8.04 6.45
N ASP A 16 -5.18 -7.89 7.74
CA ASP A 16 -4.36 -6.80 8.22
C ASP A 16 -3.05 -6.70 7.43
N PHE A 17 -2.55 -5.49 7.27
CA PHE A 17 -1.30 -5.27 6.53
C PHE A 17 -0.51 -4.12 7.14
N LEU A 18 0.71 -3.91 6.63
CA LEU A 18 1.57 -2.84 7.13
C LEU A 18 1.20 -1.51 6.48
N PRO A 19 0.69 -0.58 7.32
CA PRO A 19 0.29 0.75 6.86
C PRO A 19 1.48 1.61 6.46
N PHE A 20 1.86 1.53 5.19
CA PHE A 20 3.00 2.31 4.68
C PHE A 20 2.58 3.15 3.49
N VAL A 21 2.41 4.45 3.70
CA VAL A 21 2.02 5.36 2.65
C VAL A 21 3.24 5.96 1.95
N CYS A 22 3.12 6.19 0.65
CA CYS A 22 4.21 6.76 -0.13
C CYS A 22 4.19 8.29 -0.06
N ASP A 23 5.35 8.89 0.20
CA ASP A 23 5.46 10.33 0.29
C ASP A 23 4.86 11.01 -0.94
N ASP A 24 5.16 10.46 -2.12
CA ASP A 24 4.64 11.01 -3.37
C ASP A 24 3.25 10.46 -3.67
N CYS A 25 3.05 9.19 -3.35
CA CYS A 25 1.76 8.54 -3.59
C CYS A 25 0.96 8.41 -2.29
N SER A 26 -0.05 9.24 -2.14
CA SER A 26 -0.88 9.23 -0.94
C SER A 26 -1.48 7.84 -0.71
N GLY A 27 -1.72 7.12 -1.81
CA GLY A 27 -2.28 5.79 -1.70
C GLY A 27 -1.54 4.92 -0.71
N ILE A 28 -2.28 4.16 0.09
CA ILE A 28 -1.69 3.28 1.08
C ILE A 28 -0.90 2.15 0.43
N PHE A 29 0.21 1.76 1.06
CA PHE A 29 1.05 0.70 0.53
C PHE A 29 1.54 -0.21 1.66
N CYS A 30 1.84 -1.46 1.31
CA CYS A 30 2.31 -2.44 2.28
C CYS A 30 3.83 -2.61 2.19
N LEU A 31 4.41 -3.22 3.21
CA LEU A 31 5.85 -3.46 3.24
C LEU A 31 6.25 -4.54 2.24
N GLU A 32 5.48 -5.62 2.21
CA GLU A 32 5.75 -6.73 1.30
C GLU A 32 5.39 -6.34 -0.13
N HIS A 33 4.30 -5.60 -0.29
CA HIS A 33 3.85 -5.18 -1.61
C HIS A 33 4.98 -4.54 -2.39
N ARG A 34 5.87 -3.85 -1.69
CA ARG A 34 7.02 -3.20 -2.33
C ARG A 34 7.82 -4.19 -3.16
N SER A 35 8.18 -5.31 -2.55
CA SER A 35 8.95 -6.34 -3.23
C SER A 35 8.24 -6.81 -4.49
N ARG A 36 6.92 -6.85 -4.44
CA ARG A 36 6.12 -7.27 -5.58
C ARG A 36 6.14 -6.22 -6.69
N GLU A 37 6.18 -4.96 -6.29
CA GLU A 37 6.21 -3.85 -7.24
C GLU A 37 4.91 -3.80 -8.06
N SER A 38 3.79 -4.10 -7.40
CA SER A 38 2.49 -4.09 -8.05
C SER A 38 1.97 -2.67 -8.22
N HIS A 39 2.45 -1.77 -7.37
CA HIS A 39 2.03 -0.38 -7.42
C HIS A 39 2.90 0.41 -8.40
N GLY A 40 4.17 0.05 -8.48
CA GLY A 40 5.08 0.74 -9.38
C GLY A 40 5.50 2.10 -8.86
N CYS A 41 5.89 2.15 -7.58
CA CYS A 41 6.31 3.39 -6.96
C CYS A 41 7.33 4.12 -7.84
N PRO A 42 7.24 5.46 -7.86
CA PRO A 42 8.15 6.31 -8.65
C PRO A 42 9.57 6.30 -8.10
N GLU A 43 9.69 6.15 -6.78
CA GLU A 43 11.00 6.13 -6.13
C GLU A 43 11.38 4.72 -5.72
N VAL A 44 11.00 3.74 -6.54
CA VAL A 44 11.30 2.35 -6.27
C VAL A 44 11.51 1.56 -7.56
ZN ZN B . -0.96 -4.05 -0.35
ZN ZN C . 4.15 4.83 -4.16
N GLY A 1 -7.41 -3.01 14.97
CA GLY A 1 -7.66 -2.76 13.56
C GLY A 1 -8.66 -1.63 13.35
N GLY A 2 -8.16 -0.47 12.91
CA GLY A 2 -9.04 0.67 12.69
C GLY A 2 -9.24 0.95 11.21
N SER A 3 -10.50 1.00 10.80
CA SER A 3 -10.84 1.26 9.40
C SER A 3 -10.56 2.71 9.04
N GLY A 4 -10.36 2.96 7.74
CA GLY A 4 -10.09 4.30 7.28
C GLY A 4 -9.13 4.33 6.10
N GLN A 5 -8.07 3.53 6.18
CA GLN A 5 -7.10 3.46 5.10
C GLN A 5 -7.05 2.07 4.48
N HIS A 6 -6.97 2.02 3.16
CA HIS A 6 -6.92 0.76 2.44
C HIS A 6 -5.91 0.82 1.29
N CYS A 7 -5.17 -0.27 1.11
CA CYS A 7 -4.17 -0.33 0.05
C CYS A 7 -4.77 0.05 -1.30
N GLN A 8 -4.16 1.01 -1.96
CA GLN A 8 -4.64 1.47 -3.26
C GLN A 8 -4.82 0.30 -4.23
N VAL A 9 -3.85 -0.61 -4.23
CA VAL A 9 -3.89 -1.77 -5.10
C VAL A 9 -5.12 -2.64 -4.79
N GLU A 10 -6.13 -2.55 -5.66
CA GLU A 10 -7.36 -3.32 -5.48
C GLU A 10 -7.05 -4.81 -5.34
N HIS A 11 -5.97 -5.25 -5.99
CA HIS A 11 -5.57 -6.65 -5.94
C HIS A 11 -5.25 -7.07 -4.51
N CYS A 12 -4.73 -6.13 -3.72
CA CYS A 12 -4.37 -6.40 -2.34
C CYS A 12 -5.54 -7.06 -1.60
N ARG A 13 -5.23 -7.69 -0.47
CA ARG A 13 -6.25 -8.36 0.34
C ARG A 13 -6.97 -7.37 1.24
N GLN A 14 -8.11 -7.78 1.77
CA GLN A 14 -8.89 -6.93 2.66
C GLN A 14 -8.38 -7.00 4.09
N ARG A 15 -7.82 -8.16 4.46
CA ARG A 15 -7.29 -8.35 5.80
C ARG A 15 -6.37 -7.20 6.19
N ASP A 16 -6.13 -7.07 7.50
CA ASP A 16 -5.27 -6.00 8.01
C ASP A 16 -3.93 -5.99 7.28
N PHE A 17 -3.37 -4.80 7.11
CA PHE A 17 -2.08 -4.65 6.43
C PHE A 17 -1.26 -3.53 7.05
N LEU A 18 -0.02 -3.40 6.61
CA LEU A 18 0.88 -2.36 7.11
C LEU A 18 0.60 -1.03 6.43
N PRO A 19 0.12 -0.05 7.20
CA PRO A 19 -0.20 1.29 6.70
C PRO A 19 1.06 2.07 6.33
N PHE A 20 1.46 1.99 5.07
CA PHE A 20 2.64 2.68 4.59
C PHE A 20 2.31 3.51 3.34
N VAL A 21 2.19 4.82 3.53
CA VAL A 21 1.88 5.73 2.43
C VAL A 21 3.16 6.27 1.79
N CYS A 22 3.11 6.47 0.48
CA CYS A 22 4.26 6.98 -0.26
C CYS A 22 4.28 8.50 -0.26
N ASP A 23 5.43 9.08 0.08
CA ASP A 23 5.57 10.53 0.12
C ASP A 23 5.08 11.17 -1.18
N ASP A 24 5.46 10.57 -2.30
CA ASP A 24 5.04 11.08 -3.61
C ASP A 24 3.67 10.56 -3.99
N CYS A 25 3.39 9.31 -3.63
CA CYS A 25 2.11 8.68 -3.94
C CYS A 25 1.22 8.62 -2.70
N SER A 26 0.27 9.54 -2.61
CA SER A 26 -0.65 9.59 -1.47
C SER A 26 -1.30 8.24 -1.24
N GLY A 27 -1.51 7.49 -2.32
CA GLY A 27 -2.12 6.18 -2.21
C GLY A 27 -1.47 5.32 -1.14
N ILE A 28 -2.28 4.59 -0.39
CA ILE A 28 -1.79 3.73 0.67
C ILE A 28 -0.98 2.55 0.10
N PHE A 29 0.04 2.14 0.82
CA PHE A 29 0.89 1.03 0.39
C PHE A 29 1.27 0.14 1.57
N CYS A 30 1.57 -1.12 1.28
CA CYS A 30 1.94 -2.07 2.31
C CYS A 30 3.46 -2.29 2.32
N LEU A 31 3.96 -2.87 3.41
CA LEU A 31 5.38 -3.13 3.54
C LEU A 31 5.82 -4.27 2.60
N GLU A 32 5.00 -5.31 2.53
CA GLU A 32 5.29 -6.46 1.68
C GLU A 32 5.03 -6.13 0.22
N HIS A 33 3.97 -5.36 -0.03
CA HIS A 33 3.60 -4.98 -1.39
C HIS A 33 4.80 -4.40 -2.14
N ARG A 34 5.68 -3.73 -1.40
CA ARG A 34 6.87 -3.13 -1.99
C ARG A 34 7.69 -4.18 -2.75
N SER A 35 7.99 -5.28 -2.07
CA SER A 35 8.76 -6.35 -2.67
C SER A 35 8.11 -6.84 -3.96
N ARG A 36 6.78 -6.82 -3.98
CA ARG A 36 6.03 -7.28 -5.16
C ARG A 36 6.16 -6.27 -6.29
N GLU A 37 6.23 -4.98 -5.94
CA GLU A 37 6.36 -3.93 -6.94
C GLU A 37 5.11 -3.87 -7.83
N SER A 38 3.95 -4.12 -7.23
CA SER A 38 2.70 -4.09 -7.96
C SER A 38 2.24 -2.66 -8.21
N HIS A 39 2.68 -1.75 -7.35
CA HIS A 39 2.32 -0.34 -7.47
C HIS A 39 3.27 0.39 -8.41
N GLY A 40 4.55 0.00 -8.37
CA GLY A 40 5.54 0.62 -9.21
C GLY A 40 5.98 1.98 -8.70
N CYS A 41 6.28 2.04 -7.40
CA CYS A 41 6.71 3.29 -6.78
C CYS A 41 7.82 3.95 -7.60
N PRO A 42 7.81 5.28 -7.64
CA PRO A 42 8.80 6.06 -8.39
C PRO A 42 10.18 6.01 -7.73
N GLU A 43 10.20 5.88 -6.41
CA GLU A 43 11.45 5.80 -5.66
C GLU A 43 11.85 4.35 -5.40
N VAL A 44 11.55 3.48 -6.36
CA VAL A 44 11.88 2.06 -6.24
C VAL A 44 12.39 1.50 -7.56
ZN ZN B . -1.20 -3.66 -0.46
ZN ZN C . 4.39 4.89 -4.21
N GLY A 1 -3.58 6.73 8.77
CA GLY A 1 -3.67 6.86 10.20
C GLY A 1 -5.05 6.50 10.74
N GLY A 2 -5.09 5.57 11.69
CA GLY A 2 -6.35 5.16 12.27
C GLY A 2 -6.80 3.79 11.77
N SER A 3 -8.05 3.69 11.34
CA SER A 3 -8.59 2.43 10.86
C SER A 3 -9.28 2.62 9.51
N GLY A 4 -9.47 1.51 8.79
CA GLY A 4 -10.12 1.58 7.49
C GLY A 4 -9.13 1.90 6.38
N GLN A 5 -8.05 1.14 6.31
CA GLN A 5 -7.03 1.36 5.28
C GLN A 5 -6.78 0.08 4.49
N HIS A 6 -7.08 0.14 3.19
CA HIS A 6 -6.88 -1.02 2.32
C HIS A 6 -5.88 -0.70 1.21
N CYS A 7 -4.99 -1.64 0.94
CA CYS A 7 -3.97 -1.47 -0.09
C CYS A 7 -4.60 -1.05 -1.40
N GLN A 8 -4.09 0.03 -1.98
CA GLN A 8 -4.60 0.54 -3.26
C GLN A 8 -4.68 -0.57 -4.29
N VAL A 9 -3.63 -1.39 -4.36
CA VAL A 9 -3.57 -2.49 -5.32
C VAL A 9 -4.76 -3.43 -5.14
N GLU A 10 -5.66 -3.43 -6.13
CA GLU A 10 -6.84 -4.28 -6.08
C GLU A 10 -6.45 -5.74 -5.86
N HIS A 11 -5.31 -6.13 -6.42
CA HIS A 11 -4.83 -7.50 -6.30
C HIS A 11 -4.59 -7.85 -4.83
N CYS A 12 -4.15 -6.86 -4.05
CA CYS A 12 -3.87 -7.08 -2.64
C CYS A 12 -5.15 -7.39 -1.87
N ARG A 13 -5.00 -7.90 -0.65
CA ARG A 13 -6.15 -8.24 0.18
C ARG A 13 -6.69 -7.01 0.89
N GLN A 14 -7.74 -7.20 1.69
CA GLN A 14 -8.35 -6.11 2.43
C GLN A 14 -7.60 -5.85 3.73
N ARG A 15 -7.09 -6.91 4.34
CA ARG A 15 -6.36 -6.81 5.59
C ARG A 15 -5.13 -7.71 5.58
N ASP A 16 -4.54 -7.90 6.76
CA ASP A 16 -3.35 -8.74 6.89
C ASP A 16 -2.15 -8.12 6.18
N PHE A 17 -2.08 -6.79 6.23
CA PHE A 17 -0.99 -6.06 5.60
C PHE A 17 -0.61 -4.82 6.40
N LEU A 18 0.68 -4.52 6.45
CA LEU A 18 1.17 -3.37 7.19
C LEU A 18 0.81 -2.07 6.46
N PRO A 19 0.19 -1.14 7.20
CA PRO A 19 -0.21 0.16 6.65
C PRO A 19 0.98 1.06 6.35
N PHE A 20 1.20 1.34 5.07
CA PHE A 20 2.31 2.19 4.64
C PHE A 20 1.94 3.00 3.41
N VAL A 21 1.58 4.26 3.62
CA VAL A 21 1.20 5.15 2.52
C VAL A 21 2.42 5.85 1.94
N CYS A 22 2.39 6.07 0.63
CA CYS A 22 3.49 6.74 -0.06
C CYS A 22 3.34 8.25 0.00
N ASP A 23 4.43 8.93 0.36
CA ASP A 23 4.41 10.39 0.47
C ASP A 23 3.87 11.01 -0.81
N ASP A 24 4.31 10.51 -1.96
CA ASP A 24 3.87 11.02 -3.25
C ASP A 24 2.55 10.36 -3.67
N CYS A 25 2.43 9.07 -3.37
CA CYS A 25 1.22 8.32 -3.73
C CYS A 25 0.34 8.12 -2.50
N SER A 26 -0.75 8.87 -2.44
CA SER A 26 -1.69 8.77 -1.32
C SER A 26 -2.17 7.34 -1.13
N GLY A 27 -2.27 6.60 -2.23
CA GLY A 27 -2.72 5.23 -2.17
C GLY A 27 -1.96 4.42 -1.13
N ILE A 28 -2.70 3.66 -0.33
CA ILE A 28 -2.10 2.84 0.72
C ILE A 28 -1.18 1.77 0.13
N PHE A 29 -0.09 1.48 0.82
CA PHE A 29 0.87 0.49 0.36
C PHE A 29 1.34 -0.39 1.52
N CYS A 30 1.79 -1.60 1.19
CA CYS A 30 2.27 -2.54 2.21
C CYS A 30 3.79 -2.58 2.23
N LEU A 31 4.35 -3.13 3.30
CA LEU A 31 5.79 -3.24 3.45
C LEU A 31 6.37 -4.27 2.48
N GLU A 32 5.71 -5.42 2.40
CA GLU A 32 6.15 -6.49 1.51
C GLU A 32 5.86 -6.15 0.05
N HIS A 33 4.72 -5.51 -0.18
CA HIS A 33 4.32 -5.13 -1.52
C HIS A 33 5.46 -4.40 -2.24
N ARG A 34 6.23 -3.63 -1.48
CA ARG A 34 7.35 -2.87 -2.04
C ARG A 34 8.30 -3.80 -2.78
N SER A 35 8.66 -4.91 -2.15
CA SER A 35 9.57 -5.88 -2.76
C SER A 35 9.01 -6.41 -4.08
N ARG A 36 7.70 -6.57 -4.13
CA ARG A 36 7.03 -7.07 -5.33
C ARG A 36 7.05 -6.02 -6.43
N GLU A 37 6.95 -4.75 -6.04
CA GLU A 37 6.95 -3.65 -7.00
C GLU A 37 5.72 -3.71 -7.90
N SER A 38 4.58 -4.08 -7.31
CA SER A 38 3.33 -4.18 -8.06
C SER A 38 2.72 -2.81 -8.28
N HIS A 39 3.04 -1.87 -7.40
CA HIS A 39 2.52 -0.52 -7.49
C HIS A 39 3.40 0.34 -8.40
N GLY A 40 4.70 0.08 -8.35
CA GLY A 40 5.63 0.84 -9.18
C GLY A 40 5.90 2.23 -8.62
N CYS A 41 6.17 2.30 -7.33
CA CYS A 41 6.44 3.58 -6.67
C CYS A 41 7.47 4.38 -7.47
N PRO A 42 7.28 5.71 -7.49
CA PRO A 42 8.18 6.62 -8.20
C PRO A 42 9.55 6.73 -7.53
N GLU A 43 9.57 6.57 -6.22
CA GLU A 43 10.82 6.64 -5.46
C GLU A 43 11.23 5.27 -4.94
N VAL A 44 10.97 4.24 -5.74
CA VAL A 44 11.31 2.87 -5.36
C VAL A 44 11.67 2.04 -6.59
ZN ZN B . -0.59 -4.31 -0.72
ZN ZN C . 3.93 4.82 -4.08
N GLY A 1 -5.43 5.15 16.33
CA GLY A 1 -6.25 5.57 15.20
C GLY A 1 -7.53 4.77 15.09
N GLY A 2 -7.59 3.88 14.10
CA GLY A 2 -8.77 3.06 13.90
C GLY A 2 -9.02 2.74 12.44
N SER A 3 -9.79 3.59 11.78
CA SER A 3 -10.11 3.39 10.37
C SER A 3 -9.53 4.53 9.52
N GLY A 4 -9.07 4.18 8.32
CA GLY A 4 -8.50 5.17 7.42
C GLY A 4 -8.64 4.79 5.96
N GLN A 5 -7.80 3.86 5.52
CA GLN A 5 -7.83 3.40 4.14
C GLN A 5 -7.01 2.12 3.96
N HIS A 6 -7.43 1.28 3.03
CA HIS A 6 -6.74 0.02 2.76
C HIS A 6 -5.78 0.18 1.58
N CYS A 7 -4.99 -0.87 1.33
CA CYS A 7 -4.03 -0.86 0.23
C CYS A 7 -4.71 -0.46 -1.08
N GLN A 8 -4.16 0.56 -1.73
CA GLN A 8 -4.72 1.03 -3.00
C GLN A 8 -4.86 -0.11 -4.00
N VAL A 9 -3.84 -0.96 -4.06
CA VAL A 9 -3.85 -2.10 -4.97
C VAL A 9 -5.01 -3.04 -4.66
N GLU A 10 -6.05 -2.99 -5.49
CA GLU A 10 -7.22 -3.83 -5.30
C GLU A 10 -6.82 -5.31 -5.22
N HIS A 11 -5.75 -5.65 -5.92
CA HIS A 11 -5.27 -7.03 -5.95
C HIS A 11 -4.87 -7.49 -4.54
N CYS A 12 -4.39 -6.54 -3.73
CA CYS A 12 -3.98 -6.85 -2.37
C CYS A 12 -5.06 -7.62 -1.63
N ARG A 13 -4.68 -8.28 -0.54
CA ARG A 13 -5.62 -9.06 0.25
C ARG A 13 -6.41 -8.16 1.20
N GLN A 14 -7.50 -8.68 1.75
CA GLN A 14 -8.34 -7.91 2.66
C GLN A 14 -7.79 -7.98 4.08
N ARG A 15 -7.14 -9.10 4.40
CA ARG A 15 -6.56 -9.29 5.73
C ARG A 15 -5.73 -8.07 6.14
N ASP A 16 -5.47 -7.95 7.44
CA ASP A 16 -4.69 -6.84 7.96
C ASP A 16 -3.37 -6.70 7.22
N PHE A 17 -2.90 -5.47 7.08
CA PHE A 17 -1.64 -5.20 6.38
C PHE A 17 -0.90 -4.04 7.03
N LEU A 18 0.34 -3.83 6.61
CA LEU A 18 1.16 -2.75 7.13
C LEU A 18 0.80 -1.41 6.49
N PRO A 19 0.27 -0.48 7.30
CA PRO A 19 -0.13 0.84 6.83
C PRO A 19 1.07 1.72 6.47
N PHE A 20 1.45 1.68 5.19
CA PHE A 20 2.59 2.46 4.71
C PHE A 20 2.20 3.29 3.48
N VAL A 21 2.00 4.58 3.70
CA VAL A 21 1.63 5.49 2.61
C VAL A 21 2.86 6.11 1.97
N CYS A 22 2.79 6.33 0.66
CA CYS A 22 3.90 6.93 -0.08
C CYS A 22 3.84 8.45 -0.01
N ASP A 23 4.96 9.08 0.30
CA ASP A 23 5.04 10.53 0.39
C ASP A 23 4.48 11.18 -0.88
N ASP A 24 4.85 10.64 -2.03
CA ASP A 24 4.38 11.17 -3.31
C ASP A 24 3.02 10.58 -3.67
N CYS A 25 2.83 9.31 -3.36
CA CYS A 25 1.57 8.63 -3.65
C CYS A 25 0.72 8.48 -2.39
N SER A 26 -0.32 9.30 -2.30
CA SER A 26 -1.21 9.26 -1.14
C SER A 26 -1.77 7.86 -0.92
N GLY A 27 -1.96 7.12 -2.02
CA GLY A 27 -2.49 5.78 -1.94
C GLY A 27 -1.77 4.94 -0.91
N ILE A 28 -2.53 4.16 -0.14
CA ILE A 28 -1.95 3.31 0.89
C ILE A 28 -1.09 2.21 0.27
N PHE A 29 -0.04 1.82 0.99
CA PHE A 29 0.87 0.77 0.51
C PHE A 29 1.31 -0.12 1.66
N CYS A 30 1.69 -1.35 1.33
CA CYS A 30 2.15 -2.31 2.34
C CYS A 30 3.67 -2.42 2.32
N LEU A 31 4.22 -2.99 3.39
CA LEU A 31 5.66 -3.16 3.50
C LEU A 31 6.15 -4.24 2.55
N GLU A 32 5.37 -5.32 2.43
CA GLU A 32 5.73 -6.42 1.55
C GLU A 32 5.41 -6.08 0.09
N HIS A 33 4.31 -5.38 -0.12
CA HIS A 33 3.90 -5.00 -1.47
C HIS A 33 5.05 -4.34 -2.22
N ARG A 34 5.91 -3.63 -1.48
CA ARG A 34 7.05 -2.95 -2.09
C ARG A 34 7.90 -3.93 -2.89
N SER A 35 8.28 -5.04 -2.26
CA SER A 35 9.09 -6.05 -2.91
C SER A 35 8.43 -6.55 -4.19
N ARG A 36 7.11 -6.61 -4.18
CA ARG A 36 6.35 -7.07 -5.34
C ARG A 36 6.38 -6.02 -6.45
N GLU A 37 6.46 -4.75 -6.05
CA GLU A 37 6.49 -3.65 -7.02
C GLU A 37 5.23 -3.66 -7.89
N SER A 38 4.10 -3.97 -7.27
CA SER A 38 2.83 -4.00 -7.99
C SER A 38 2.28 -2.60 -8.19
N HIS A 39 2.67 -1.68 -7.33
CA HIS A 39 2.23 -0.30 -7.41
C HIS A 39 3.12 0.51 -8.35
N GLY A 40 4.41 0.19 -8.37
CA GLY A 40 5.33 0.89 -9.23
C GLY A 40 5.70 2.26 -8.71
N CYS A 41 6.02 2.33 -7.41
CA CYS A 41 6.39 3.59 -6.79
C CYS A 41 7.43 4.34 -7.61
N PRO A 42 7.31 5.67 -7.65
CA PRO A 42 8.22 6.53 -8.41
C PRO A 42 9.62 6.57 -7.80
N GLU A 43 9.69 6.44 -6.47
CA GLU A 43 10.96 6.46 -5.76
C GLU A 43 11.40 5.05 -5.39
N VAL A 44 11.08 4.09 -6.25
CA VAL A 44 11.45 2.70 -6.01
C VAL A 44 11.75 1.97 -7.31
ZN ZN B . -0.94 -4.01 -0.44
ZN ZN C . 4.07 4.98 -4.10
N GLY A 1 -11.82 -3.27 14.63
CA GLY A 1 -11.27 -3.28 13.29
C GLY A 1 -12.35 -3.31 12.22
N GLY A 2 -12.92 -2.14 11.93
CA GLY A 2 -13.97 -2.07 10.93
C GLY A 2 -13.45 -1.67 9.57
N SER A 3 -13.37 -0.36 9.33
CA SER A 3 -12.88 0.16 8.05
C SER A 3 -12.14 1.48 8.26
N GLY A 4 -11.37 1.87 7.25
CA GLY A 4 -10.62 3.11 7.33
C GLY A 4 -9.71 3.32 6.14
N GLN A 5 -8.62 2.55 6.07
CA GLN A 5 -7.68 2.66 4.96
C GLN A 5 -7.04 1.31 4.67
N HIS A 6 -6.93 0.99 3.38
CA HIS A 6 -6.33 -0.27 2.96
C HIS A 6 -5.41 -0.07 1.76
N CYS A 7 -4.62 -1.08 1.45
CA CYS A 7 -3.68 -1.01 0.33
C CYS A 7 -4.41 -0.57 -0.94
N GLN A 8 -3.88 0.47 -1.58
CA GLN A 8 -4.47 0.98 -2.81
C GLN A 8 -4.69 -0.13 -3.83
N VAL A 9 -3.69 -1.01 -3.97
CA VAL A 9 -3.78 -2.13 -4.90
C VAL A 9 -5.00 -2.99 -4.62
N GLU A 10 -5.96 -2.95 -5.52
CA GLU A 10 -7.19 -3.73 -5.37
C GLU A 10 -6.87 -5.21 -5.18
N HIS A 11 -5.79 -5.66 -5.80
CA HIS A 11 -5.37 -7.06 -5.70
C HIS A 11 -5.07 -7.42 -4.24
N CYS A 12 -4.54 -6.45 -3.49
CA CYS A 12 -4.21 -6.67 -2.09
C CYS A 12 -5.47 -6.81 -1.25
N ARG A 13 -5.30 -7.24 0.00
CA ARG A 13 -6.42 -7.41 0.91
C ARG A 13 -6.77 -6.08 1.59
N GLN A 14 -7.79 -6.13 2.44
CA GLN A 14 -8.24 -4.92 3.15
C GLN A 14 -7.39 -4.69 4.41
N ARG A 15 -7.06 -5.79 5.09
CA ARG A 15 -6.26 -5.71 6.31
C ARG A 15 -5.16 -6.76 6.30
N ASP A 16 -4.51 -6.94 7.45
CA ASP A 16 -3.44 -7.92 7.59
C ASP A 16 -2.22 -7.51 6.75
N PHE A 17 -1.95 -6.21 6.71
CA PHE A 17 -0.82 -5.70 5.94
C PHE A 17 -0.19 -4.49 6.64
N LEU A 18 1.12 -4.36 6.53
CA LEU A 18 1.84 -3.26 7.14
C LEU A 18 1.48 -1.93 6.48
N PRO A 19 0.96 -0.99 7.29
CA PRO A 19 0.56 0.34 6.80
C PRO A 19 1.77 1.19 6.41
N PHE A 20 1.95 1.39 5.10
CA PHE A 20 3.06 2.19 4.60
C PHE A 20 2.63 3.03 3.40
N VAL A 21 2.39 4.32 3.64
CA VAL A 21 1.97 5.23 2.57
C VAL A 21 3.18 5.87 1.90
N CYS A 22 3.07 6.10 0.59
CA CYS A 22 4.14 6.71 -0.17
C CYS A 22 4.07 8.23 -0.09
N ASP A 23 5.21 8.87 0.20
CA ASP A 23 5.28 10.32 0.30
C ASP A 23 4.66 10.98 -0.94
N ASP A 24 5.02 10.45 -2.11
CA ASP A 24 4.50 10.99 -3.36
C ASP A 24 3.14 10.40 -3.69
N CYS A 25 2.95 9.13 -3.39
CA CYS A 25 1.69 8.45 -3.65
C CYS A 25 0.88 8.27 -2.36
N SER A 26 -0.14 9.09 -2.19
CA SER A 26 -0.98 9.04 -1.01
C SER A 26 -1.53 7.63 -0.80
N GLY A 27 -1.74 6.92 -1.90
CA GLY A 27 -2.27 5.56 -1.82
C GLY A 27 -1.50 4.70 -0.83
N ILE A 28 -2.23 3.95 -0.01
CA ILE A 28 -1.61 3.09 0.98
C ILE A 28 -0.78 1.99 0.31
N PHE A 29 0.32 1.61 0.96
CA PHE A 29 1.20 0.58 0.42
C PHE A 29 1.71 -0.33 1.54
N CYS A 30 2.07 -1.56 1.18
CA CYS A 30 2.57 -2.52 2.15
C CYS A 30 4.09 -2.63 2.07
N LEU A 31 4.69 -3.22 3.11
CA LEU A 31 6.14 -3.39 3.16
C LEU A 31 6.59 -4.45 2.17
N GLU A 32 5.83 -5.53 2.07
CA GLU A 32 6.16 -6.62 1.16
C GLU A 32 5.78 -6.26 -0.28
N HIS A 33 4.66 -5.56 -0.43
CA HIS A 33 4.19 -5.15 -1.75
C HIS A 33 5.31 -4.48 -2.55
N ARG A 34 6.19 -3.77 -1.84
CA ARG A 34 7.30 -3.08 -2.48
C ARG A 34 8.14 -4.05 -3.31
N SER A 35 8.48 -5.19 -2.72
CA SER A 35 9.28 -6.19 -3.40
C SER A 35 8.57 -6.68 -4.66
N ARG A 36 7.25 -6.75 -4.61
CA ARG A 36 6.45 -7.20 -5.74
C ARG A 36 6.45 -6.15 -6.85
N GLU A 37 6.46 -4.88 -6.45
CA GLU A 37 6.46 -3.79 -7.41
C GLU A 37 5.16 -3.77 -8.21
N SER A 38 4.05 -4.08 -7.54
CA SER A 38 2.75 -4.11 -8.19
C SER A 38 2.19 -2.70 -8.36
N HIS A 39 2.64 -1.79 -7.49
CA HIS A 39 2.19 -0.41 -7.55
C HIS A 39 3.04 0.41 -8.51
N GLY A 40 4.34 0.09 -8.57
CA GLY A 40 5.24 0.80 -9.45
C GLY A 40 5.63 2.16 -8.91
N CYS A 41 6.01 2.20 -7.64
CA CYS A 41 6.40 3.45 -7.00
C CYS A 41 7.42 4.20 -7.86
N PRO A 42 7.33 5.53 -7.86
CA PRO A 42 8.23 6.40 -8.62
C PRO A 42 9.65 6.39 -8.06
N GLU A 43 9.77 6.22 -6.76
CA GLU A 43 11.06 6.19 -6.10
C GLU A 43 11.55 4.76 -5.89
N VAL A 44 11.24 3.89 -6.85
CA VAL A 44 11.64 2.50 -6.77
C VAL A 44 12.05 1.96 -8.14
ZN ZN B . -0.60 -4.16 -0.53
ZN ZN C . 4.18 4.81 -4.22
N GLY A 1 -6.32 11.07 13.14
CA GLY A 1 -7.71 10.72 13.33
C GLY A 1 -7.90 9.22 13.54
N GLY A 2 -8.78 8.62 12.75
CA GLY A 2 -9.04 7.20 12.86
C GLY A 2 -8.14 6.37 11.95
N SER A 3 -8.16 5.07 12.15
CA SER A 3 -7.35 4.16 11.34
C SER A 3 -8.22 3.13 10.63
N GLY A 4 -8.35 3.28 9.32
CA GLY A 4 -9.16 2.36 8.54
C GLY A 4 -8.99 2.55 7.05
N GLN A 5 -7.81 2.23 6.55
CA GLN A 5 -7.52 2.37 5.12
C GLN A 5 -7.32 1.01 4.47
N HIS A 6 -7.26 1.01 3.13
CA HIS A 6 -7.08 -0.23 2.39
C HIS A 6 -6.08 -0.04 1.25
N CYS A 7 -5.24 -1.05 1.04
CA CYS A 7 -4.23 -0.99 0.00
C CYS A 7 -4.86 -0.61 -1.35
N GLN A 8 -4.31 0.43 -1.97
CA GLN A 8 -4.81 0.89 -3.26
C GLN A 8 -4.89 -0.25 -4.26
N VAL A 9 -3.85 -1.07 -4.30
CA VAL A 9 -3.79 -2.21 -5.21
C VAL A 9 -4.93 -3.18 -4.95
N GLU A 10 -5.94 -3.14 -5.82
CA GLU A 10 -7.10 -4.03 -5.67
C GLU A 10 -6.67 -5.48 -5.59
N HIS A 11 -5.55 -5.80 -6.23
CA HIS A 11 -5.04 -7.17 -6.23
C HIS A 11 -4.71 -7.62 -4.82
N CYS A 12 -4.28 -6.68 -3.98
CA CYS A 12 -3.93 -6.98 -2.59
C CYS A 12 -5.06 -7.74 -1.91
N ARG A 13 -4.74 -8.37 -0.77
CA ARG A 13 -5.72 -9.13 -0.02
C ARG A 13 -6.50 -8.23 0.94
N GLN A 14 -7.60 -8.74 1.46
CA GLN A 14 -8.44 -7.98 2.39
C GLN A 14 -7.89 -8.07 3.81
N ARG A 15 -7.23 -9.18 4.12
CA ARG A 15 -6.66 -9.38 5.45
C ARG A 15 -5.84 -8.18 5.87
N ASP A 16 -5.61 -8.06 7.18
CA ASP A 16 -4.84 -6.95 7.72
C ASP A 16 -3.50 -6.82 7.00
N PHE A 17 -3.02 -5.59 6.88
CA PHE A 17 -1.75 -5.32 6.21
C PHE A 17 -1.02 -4.16 6.87
N LEU A 18 0.21 -3.91 6.40
CA LEU A 18 1.01 -2.81 6.95
C LEU A 18 0.64 -1.48 6.32
N PRO A 19 0.06 -0.58 7.13
CA PRO A 19 -0.35 0.75 6.68
C PRO A 19 0.83 1.65 6.35
N PHE A 20 1.30 1.57 5.11
CA PHE A 20 2.42 2.38 4.66
C PHE A 20 2.05 3.23 3.44
N VAL A 21 1.82 4.51 3.67
CA VAL A 21 1.45 5.42 2.59
C VAL A 21 2.69 6.07 1.98
N CYS A 22 2.63 6.31 0.67
CA CYS A 22 3.74 6.93 -0.04
C CYS A 22 3.65 8.45 0.02
N ASP A 23 4.76 9.09 0.37
CA ASP A 23 4.81 10.55 0.46
C ASP A 23 4.27 11.20 -0.81
N ASP A 24 4.69 10.66 -1.95
CA ASP A 24 4.25 11.18 -3.25
C ASP A 24 2.92 10.58 -3.65
N CYS A 25 2.73 9.31 -3.34
CA CYS A 25 1.49 8.61 -3.68
C CYS A 25 0.61 8.44 -2.44
N SER A 26 -0.40 9.29 -2.32
CA SER A 26 -1.32 9.23 -1.20
C SER A 26 -1.87 7.82 -1.00
N GLY A 27 -2.02 7.10 -2.11
CA GLY A 27 -2.54 5.75 -2.05
C GLY A 27 -1.83 4.90 -1.02
N ILE A 28 -2.60 4.10 -0.28
CA ILE A 28 -2.04 3.24 0.75
C ILE A 28 -1.15 2.16 0.13
N PHE A 29 -0.12 1.77 0.87
CA PHE A 29 0.80 0.74 0.39
C PHE A 29 1.25 -0.17 1.54
N CYS A 30 1.61 -1.39 1.21
CA CYS A 30 2.05 -2.36 2.21
C CYS A 30 3.57 -2.49 2.20
N LEU A 31 4.12 -3.10 3.25
CA LEU A 31 5.55 -3.29 3.37
C LEU A 31 6.04 -4.33 2.37
N GLU A 32 5.34 -5.47 2.30
CA GLU A 32 5.71 -6.54 1.39
C GLU A 32 5.42 -6.15 -0.06
N HIS A 33 4.32 -5.43 -0.26
CA HIS A 33 3.93 -5.00 -1.59
C HIS A 33 5.09 -4.31 -2.31
N ARG A 34 5.92 -3.62 -1.55
CA ARG A 34 7.08 -2.92 -2.10
C ARG A 34 7.96 -3.88 -2.89
N SER A 35 8.33 -4.99 -2.26
CA SER A 35 9.17 -5.99 -2.91
C SER A 35 8.55 -6.46 -4.22
N ARG A 36 7.23 -6.55 -4.25
CA ARG A 36 6.52 -6.99 -5.43
C ARG A 36 6.57 -5.92 -6.53
N GLU A 37 6.56 -4.65 -6.12
CA GLU A 37 6.61 -3.54 -7.05
C GLU A 37 5.37 -3.53 -7.94
N SER A 38 4.24 -3.91 -7.37
CA SER A 38 2.98 -3.95 -8.11
C SER A 38 2.43 -2.55 -8.31
N HIS A 39 2.79 -1.64 -7.42
CA HIS A 39 2.33 -0.26 -7.50
C HIS A 39 3.25 0.57 -8.41
N GLY A 40 4.53 0.26 -8.38
CA GLY A 40 5.49 0.99 -9.20
C GLY A 40 5.84 2.34 -8.63
N CYS A 41 6.13 2.38 -7.34
CA CYS A 41 6.47 3.63 -6.66
C CYS A 41 7.55 4.38 -7.43
N PRO A 42 7.45 5.72 -7.45
CA PRO A 42 8.40 6.59 -8.14
C PRO A 42 9.77 6.60 -7.47
N GLU A 43 9.77 6.41 -6.16
CA GLU A 43 11.02 6.40 -5.40
C GLU A 43 10.91 5.45 -4.21
N VAL A 44 10.45 4.23 -4.46
CA VAL A 44 10.32 3.22 -3.42
C VAL A 44 11.61 3.08 -2.62
ZN ZN B . -1.00 -4.04 -0.64
ZN ZN C . 4.03 4.99 -4.05
N GLY A 1 -17.77 4.45 12.07
CA GLY A 1 -16.79 3.43 12.39
C GLY A 1 -16.18 2.79 11.16
N GLY A 2 -14.85 2.79 11.09
CA GLY A 2 -14.17 2.20 9.94
C GLY A 2 -12.71 1.92 10.22
N SER A 3 -12.05 1.27 9.27
CA SER A 3 -10.64 0.92 9.42
C SER A 3 -9.79 2.19 9.50
N GLY A 4 -9.69 2.90 8.39
CA GLY A 4 -8.90 4.13 8.36
C GLY A 4 -7.93 4.16 7.20
N GLN A 5 -7.22 3.05 6.98
CA GLN A 5 -6.25 2.95 5.90
C GLN A 5 -6.36 1.61 5.19
N HIS A 6 -6.36 1.65 3.86
CA HIS A 6 -6.45 0.43 3.06
C HIS A 6 -5.54 0.51 1.84
N CYS A 7 -4.77 -0.55 1.61
CA CYS A 7 -3.86 -0.61 0.48
C CYS A 7 -4.57 -0.26 -0.82
N GLN A 8 -4.04 0.72 -1.54
CA GLN A 8 -4.62 1.13 -2.81
C GLN A 8 -4.80 -0.05 -3.75
N VAL A 9 -3.79 -0.91 -3.81
CA VAL A 9 -3.83 -2.09 -4.68
C VAL A 9 -4.98 -3.01 -4.28
N GLU A 10 -6.06 -2.98 -5.07
CA GLU A 10 -7.22 -3.81 -4.79
C GLU A 10 -6.82 -5.28 -4.69
N HIS A 11 -5.77 -5.66 -5.41
CA HIS A 11 -5.28 -7.04 -5.40
C HIS A 11 -4.86 -7.44 -4.00
N CYS A 12 -4.35 -6.48 -3.24
CA CYS A 12 -3.90 -6.75 -1.88
C CYS A 12 -4.97 -7.48 -1.07
N ARG A 13 -4.57 -8.09 0.04
CA ARG A 13 -5.50 -8.82 0.89
C ARG A 13 -6.24 -7.87 1.84
N GLN A 14 -7.30 -8.37 2.45
CA GLN A 14 -8.08 -7.56 3.38
C GLN A 14 -7.46 -7.57 4.77
N ARG A 15 -6.80 -8.68 5.11
CA ARG A 15 -6.16 -8.82 6.41
C ARG A 15 -5.30 -7.60 6.73
N ASP A 16 -5.00 -7.42 8.02
CA ASP A 16 -4.19 -6.29 8.45
C ASP A 16 -2.89 -6.20 7.65
N PHE A 17 -2.41 -4.98 7.45
CA PHE A 17 -1.19 -4.76 6.69
C PHE A 17 -0.40 -3.58 7.27
N LEU A 18 0.80 -3.37 6.74
CA LEU A 18 1.65 -2.27 7.19
C LEU A 18 1.27 -0.96 6.52
N PRO A 19 0.78 0.00 7.32
CA PRO A 19 0.36 1.31 6.83
C PRO A 19 1.55 2.16 6.38
N PHE A 20 1.89 2.05 5.10
CA PHE A 20 3.01 2.81 4.55
C PHE A 20 2.58 3.60 3.31
N VAL A 21 2.39 4.91 3.49
CA VAL A 21 1.97 5.76 2.39
C VAL A 21 3.19 6.37 1.68
N CYS A 22 3.06 6.55 0.36
CA CYS A 22 4.14 7.12 -0.44
C CYS A 22 4.07 8.64 -0.44
N ASP A 23 5.21 9.28 -0.19
CA ASP A 23 5.29 10.74 -0.16
C ASP A 23 4.67 11.34 -1.43
N ASP A 24 5.00 10.75 -2.57
CA ASP A 24 4.48 11.23 -3.85
C ASP A 24 3.11 10.63 -4.13
N CYS A 25 2.93 9.37 -3.77
CA CYS A 25 1.66 8.67 -3.98
C CYS A 25 0.87 8.58 -2.69
N SER A 26 -0.17 9.40 -2.58
CA SER A 26 -1.01 9.41 -1.39
C SER A 26 -1.57 8.02 -1.11
N GLY A 27 -1.80 7.25 -2.17
CA GLY A 27 -2.33 5.90 -2.01
C GLY A 27 -1.57 5.10 -0.99
N ILE A 28 -2.29 4.36 -0.15
CA ILE A 28 -1.68 3.54 0.88
C ILE A 28 -0.85 2.41 0.27
N PHE A 29 0.23 2.05 0.95
CA PHE A 29 1.11 0.98 0.48
C PHE A 29 1.60 0.13 1.64
N CYS A 30 1.93 -1.12 1.36
CA CYS A 30 2.43 -2.05 2.38
C CYS A 30 3.94 -2.20 2.28
N LEU A 31 4.54 -2.76 3.32
CA LEU A 31 5.99 -2.97 3.36
C LEU A 31 6.40 -4.06 2.39
N GLU A 32 5.69 -5.19 2.42
CA GLU A 32 5.99 -6.31 1.55
C GLU A 32 5.61 -5.99 0.10
N HIS A 33 4.50 -5.27 -0.07
CA HIS A 33 4.04 -4.89 -1.39
C HIS A 33 5.17 -4.26 -2.21
N ARG A 34 6.04 -3.52 -1.54
CA ARG A 34 7.17 -2.87 -2.20
C ARG A 34 8.00 -3.88 -2.99
N SER A 35 8.33 -4.99 -2.33
CA SER A 35 9.13 -6.03 -2.97
C SER A 35 8.47 -6.51 -4.26
N ARG A 36 7.16 -6.73 -4.19
CA ARG A 36 6.40 -7.19 -5.36
C ARG A 36 6.39 -6.12 -6.46
N GLU A 37 6.38 -4.86 -6.04
CA GLU A 37 6.36 -3.75 -6.98
C GLU A 37 5.08 -3.77 -7.82
N SER A 38 3.96 -4.06 -7.17
CA SER A 38 2.67 -4.12 -7.85
C SER A 38 2.13 -2.71 -8.09
N HIS A 39 2.57 -1.76 -7.27
CA HIS A 39 2.13 -0.38 -7.40
C HIS A 39 2.98 0.38 -8.42
N GLY A 40 4.27 0.05 -8.47
CA GLY A 40 5.17 0.70 -9.40
C GLY A 40 5.56 2.10 -8.94
N CYS A 41 5.94 2.21 -7.68
CA CYS A 41 6.34 3.49 -7.11
C CYS A 41 7.35 4.19 -8.01
N PRO A 42 7.25 5.53 -8.09
CA PRO A 42 8.14 6.34 -8.92
C PRO A 42 9.56 6.39 -8.36
N GLU A 43 9.68 6.29 -7.05
CA GLU A 43 10.99 6.32 -6.40
C GLU A 43 11.42 4.92 -5.98
N VAL A 44 11.05 3.92 -6.78
CA VAL A 44 11.40 2.54 -6.50
C VAL A 44 11.63 1.75 -7.79
ZN ZN B . -0.79 -3.81 -0.19
ZN ZN C . 4.14 5.02 -4.38
N GLY A 1 -4.90 0.80 17.39
CA GLY A 1 -6.16 1.22 16.80
C GLY A 1 -6.42 0.55 15.47
N GLY A 2 -7.61 0.81 14.90
CA GLY A 2 -7.95 0.22 13.62
C GLY A 2 -8.64 1.20 12.70
N SER A 3 -7.91 1.66 11.68
CA SER A 3 -8.45 2.63 10.73
C SER A 3 -8.70 1.96 9.37
N GLY A 4 -9.75 2.41 8.68
CA GLY A 4 -10.09 1.84 7.39
C GLY A 4 -9.03 2.16 6.34
N GLN A 5 -8.09 1.23 6.15
CA GLN A 5 -7.03 1.41 5.17
C GLN A 5 -6.83 0.14 4.35
N HIS A 6 -7.09 0.23 3.05
CA HIS A 6 -6.94 -0.92 2.16
C HIS A 6 -5.93 -0.61 1.06
N CYS A 7 -5.02 -1.55 0.81
CA CYS A 7 -4.00 -1.38 -0.22
C CYS A 7 -4.63 -0.97 -1.55
N GLN A 8 -4.11 0.10 -2.14
CA GLN A 8 -4.62 0.60 -3.41
C GLN A 8 -4.69 -0.53 -4.45
N VAL A 9 -3.65 -1.35 -4.50
CA VAL A 9 -3.60 -2.46 -5.44
C VAL A 9 -4.79 -3.38 -5.26
N GLU A 10 -5.69 -3.40 -6.26
CA GLU A 10 -6.87 -4.24 -6.20
C GLU A 10 -6.49 -5.70 -5.98
N HIS A 11 -5.35 -6.10 -6.53
CA HIS A 11 -4.88 -7.47 -6.38
C HIS A 11 -4.64 -7.81 -4.92
N CYS A 12 -4.20 -6.82 -4.14
CA CYS A 12 -3.92 -7.01 -2.73
C CYS A 12 -5.21 -7.31 -1.96
N ARG A 13 -5.07 -7.79 -0.74
CA ARG A 13 -6.21 -8.11 0.10
C ARG A 13 -6.75 -6.86 0.80
N GLN A 14 -7.80 -7.03 1.60
CA GLN A 14 -8.40 -5.92 2.33
C GLN A 14 -7.64 -5.65 3.63
N ARG A 15 -7.16 -6.72 4.26
CA ARG A 15 -6.42 -6.59 5.51
C ARG A 15 -5.19 -7.50 5.51
N ASP A 16 -4.60 -7.68 6.68
CA ASP A 16 -3.42 -8.52 6.82
C ASP A 16 -2.23 -7.92 6.09
N PHE A 17 -2.13 -6.59 6.12
CA PHE A 17 -1.04 -5.89 5.46
C PHE A 17 -0.65 -4.64 6.24
N LEU A 18 0.65 -4.38 6.30
CA LEU A 18 1.17 -3.22 7.02
C LEU A 18 0.80 -1.93 6.30
N PRO A 19 0.17 -0.99 7.04
CA PRO A 19 -0.25 0.30 6.49
C PRO A 19 0.95 1.21 6.18
N PHE A 20 1.18 1.43 4.89
CA PHE A 20 2.29 2.27 4.46
C PHE A 20 1.90 3.09 3.22
N VAL A 21 1.52 4.34 3.43
CA VAL A 21 1.12 5.22 2.34
C VAL A 21 2.34 5.93 1.75
N CYS A 22 2.30 6.16 0.44
CA CYS A 22 3.39 6.83 -0.25
C CYS A 22 3.21 8.35 -0.20
N ASP A 23 4.26 9.06 0.17
CA ASP A 23 4.21 10.51 0.26
C ASP A 23 3.68 11.12 -1.04
N ASP A 24 4.17 10.60 -2.17
CA ASP A 24 3.75 11.09 -3.48
C ASP A 24 2.45 10.41 -3.92
N CYS A 25 2.33 9.12 -3.60
CA CYS A 25 1.15 8.35 -3.96
C CYS A 25 0.25 8.14 -2.75
N SER A 26 -0.83 8.91 -2.68
CA SER A 26 -1.77 8.80 -1.56
C SER A 26 -2.23 7.36 -1.37
N GLY A 27 -2.31 6.63 -2.48
CA GLY A 27 -2.73 5.24 -2.41
C GLY A 27 -1.99 4.45 -1.36
N ILE A 28 -2.72 3.71 -0.55
CA ILE A 28 -2.12 2.90 0.51
C ILE A 28 -1.21 1.83 -0.07
N PHE A 29 -0.11 1.55 0.63
CA PHE A 29 0.84 0.54 0.19
C PHE A 29 1.32 -0.31 1.35
N CYS A 30 1.77 -1.53 1.04
CA CYS A 30 2.24 -2.45 2.06
C CYS A 30 3.77 -2.50 2.09
N LEU A 31 4.32 -3.06 3.15
CA LEU A 31 5.77 -3.17 3.30
C LEU A 31 6.33 -4.20 2.33
N GLU A 32 5.69 -5.36 2.27
CA GLU A 32 6.13 -6.44 1.39
C GLU A 32 5.84 -6.09 -0.07
N HIS A 33 4.69 -5.45 -0.30
CA HIS A 33 4.29 -5.06 -1.65
C HIS A 33 5.43 -4.35 -2.37
N ARG A 34 6.21 -3.59 -1.62
CA ARG A 34 7.33 -2.85 -2.19
C ARG A 34 8.28 -3.78 -2.95
N SER A 35 8.67 -4.87 -2.30
CA SER A 35 9.57 -5.84 -2.90
C SER A 35 9.00 -6.36 -4.22
N ARG A 36 7.68 -6.52 -4.26
CA ARG A 36 7.02 -7.00 -5.46
C ARG A 36 7.03 -5.95 -6.56
N GLU A 37 6.93 -4.69 -6.17
CA GLU A 37 6.92 -3.58 -7.11
C GLU A 37 5.69 -3.65 -8.02
N SER A 38 4.56 -4.03 -7.44
CA SER A 38 3.32 -4.14 -8.19
C SER A 38 2.71 -2.76 -8.43
N HIS A 39 3.01 -1.82 -7.54
CA HIS A 39 2.50 -0.47 -7.66
C HIS A 39 3.40 0.38 -8.55
N GLY A 40 4.70 0.12 -8.48
CA GLY A 40 5.65 0.87 -9.29
C GLY A 40 5.93 2.25 -8.73
N CYS A 41 6.18 2.33 -7.43
CA CYS A 41 6.45 3.59 -6.77
C CYS A 41 7.51 4.39 -7.53
N PRO A 42 7.34 5.72 -7.56
CA PRO A 42 8.27 6.61 -8.25
C PRO A 42 9.62 6.70 -7.56
N GLU A 43 9.61 6.53 -6.23
CA GLU A 43 10.84 6.59 -5.45
C GLU A 43 10.78 5.63 -4.27
N VAL A 44 10.37 4.38 -4.54
CA VAL A 44 10.27 3.37 -3.51
C VAL A 44 11.56 3.27 -2.69
ZN ZN B . -0.62 -4.24 -0.83
ZN ZN C . 3.89 4.87 -4.23
N GLY A 1 -11.97 9.61 12.18
CA GLY A 1 -11.73 8.45 13.00
C GLY A 1 -10.26 8.17 13.18
N GLY A 2 -9.91 6.91 13.42
CA GLY A 2 -8.52 6.54 13.62
C GLY A 2 -7.98 5.69 12.48
N SER A 3 -8.14 4.37 12.61
CA SER A 3 -7.67 3.44 11.59
C SER A 3 -8.80 3.02 10.66
N GLY A 4 -8.47 2.83 9.39
CA GLY A 4 -9.48 2.43 8.42
C GLY A 4 -9.04 2.68 6.99
N GLN A 5 -8.16 1.80 6.49
CA GLN A 5 -7.65 1.93 5.13
C GLN A 5 -7.26 0.56 4.57
N HIS A 6 -7.12 0.49 3.25
CA HIS A 6 -6.74 -0.76 2.59
C HIS A 6 -5.79 -0.49 1.42
N CYS A 7 -4.94 -1.46 1.13
CA CYS A 7 -3.98 -1.33 0.03
C CYS A 7 -4.67 -0.91 -1.25
N GLN A 8 -4.18 0.16 -1.86
CA GLN A 8 -4.75 0.67 -3.11
C GLN A 8 -4.89 -0.44 -4.14
N VAL A 9 -3.84 -1.26 -4.25
CA VAL A 9 -3.84 -2.36 -5.20
C VAL A 9 -5.02 -3.31 -4.96
N GLU A 10 -6.00 -3.25 -5.86
CA GLU A 10 -7.18 -4.09 -5.74
C GLU A 10 -6.80 -5.56 -5.63
N HIS A 11 -5.72 -5.93 -6.33
CA HIS A 11 -5.25 -7.31 -6.31
C HIS A 11 -4.85 -7.73 -4.90
N CYS A 12 -4.33 -6.80 -4.12
CA CYS A 12 -3.92 -7.08 -2.75
C CYS A 12 -5.08 -7.65 -1.94
N ARG A 13 -4.75 -8.32 -0.84
CA ARG A 13 -5.77 -8.91 0.02
C ARG A 13 -6.71 -7.85 0.56
N GLN A 14 -7.69 -8.27 1.35
CA GLN A 14 -8.67 -7.36 1.93
C GLN A 14 -8.11 -6.71 3.20
N ARG A 15 -7.34 -7.48 3.96
CA ARG A 15 -6.76 -6.97 5.19
C ARG A 15 -5.51 -7.77 5.58
N ASP A 16 -5.03 -7.56 6.80
CA ASP A 16 -3.85 -8.26 7.28
C ASP A 16 -2.62 -7.83 6.51
N PHE A 17 -2.36 -6.53 6.48
CA PHE A 17 -1.21 -5.99 5.77
C PHE A 17 -0.64 -4.78 6.50
N LEU A 18 0.67 -4.59 6.40
CA LEU A 18 1.34 -3.46 7.05
C LEU A 18 0.97 -2.15 6.39
N PRO A 19 0.38 -1.24 7.18
CA PRO A 19 -0.04 0.09 6.70
C PRO A 19 1.15 0.99 6.36
N PHE A 20 1.36 1.23 5.07
CA PHE A 20 2.46 2.08 4.63
C PHE A 20 2.04 2.92 3.42
N VAL A 21 1.77 4.19 3.68
CA VAL A 21 1.36 5.12 2.62
C VAL A 21 2.56 5.80 1.99
N CYS A 22 2.48 6.06 0.69
CA CYS A 22 3.56 6.71 -0.03
C CYS A 22 3.44 8.23 0.06
N ASP A 23 4.55 8.88 0.39
CA ASP A 23 4.58 10.33 0.51
C ASP A 23 3.99 10.99 -0.73
N ASP A 24 4.38 10.51 -1.90
CA ASP A 24 3.90 11.05 -3.16
C ASP A 24 2.57 10.42 -3.55
N CYS A 25 2.42 9.14 -3.26
CA CYS A 25 1.18 8.42 -3.57
C CYS A 25 0.35 8.21 -2.32
N SER A 26 -0.73 8.97 -2.20
CA SER A 26 -1.62 8.87 -1.04
C SER A 26 -2.12 7.44 -0.87
N GLY A 27 -2.28 6.74 -1.98
CA GLY A 27 -2.75 5.36 -1.94
C GLY A 27 -1.99 4.53 -0.93
N ILE A 28 -2.72 3.71 -0.17
CA ILE A 28 -2.10 2.85 0.83
C ILE A 28 -1.20 1.80 0.18
N PHE A 29 -0.12 1.46 0.87
CA PHE A 29 0.83 0.47 0.36
C PHE A 29 1.31 -0.44 1.48
N CYS A 30 1.74 -1.65 1.12
CA CYS A 30 2.24 -2.61 2.09
C CYS A 30 3.76 -2.66 2.08
N LEU A 31 4.33 -3.24 3.13
CA LEU A 31 5.79 -3.35 3.24
C LEU A 31 6.33 -4.38 2.26
N GLU A 32 5.59 -5.49 2.10
CA GLU A 32 6.00 -6.55 1.19
C GLU A 32 5.68 -6.18 -0.25
N HIS A 33 4.54 -5.52 -0.45
CA HIS A 33 4.12 -5.10 -1.78
C HIS A 33 5.24 -4.38 -2.51
N ARG A 34 6.07 -3.66 -1.76
CA ARG A 34 7.18 -2.92 -2.33
C ARG A 34 8.07 -3.83 -3.16
N SER A 35 8.50 -4.93 -2.56
CA SER A 35 9.37 -5.90 -3.25
C SER A 35 8.72 -6.37 -4.54
N ARG A 36 7.40 -6.51 -4.52
CA ARG A 36 6.66 -6.95 -5.70
C ARG A 36 6.63 -5.87 -6.77
N GLU A 37 6.65 -4.62 -6.35
CA GLU A 37 6.63 -3.50 -7.28
C GLU A 37 5.37 -3.54 -8.16
N SER A 38 4.26 -3.93 -7.55
CA SER A 38 3.00 -4.02 -8.28
C SER A 38 2.38 -2.63 -8.46
N HIS A 39 2.72 -1.71 -7.55
CA HIS A 39 2.20 -0.36 -7.61
C HIS A 39 3.06 0.52 -8.52
N GLY A 40 4.37 0.26 -8.52
CA GLY A 40 5.28 1.04 -9.34
C GLY A 40 5.59 2.39 -8.74
N CYS A 41 5.91 2.42 -7.46
CA CYS A 41 6.23 3.66 -6.78
C CYS A 41 7.25 4.47 -7.56
N PRO A 42 7.10 5.80 -7.54
CA PRO A 42 8.01 6.72 -8.25
C PRO A 42 9.39 6.76 -7.61
N GLU A 43 9.45 6.53 -6.30
CA GLU A 43 10.72 6.54 -5.58
C GLU A 43 10.67 5.58 -4.38
N VAL A 44 10.27 4.34 -4.66
CA VAL A 44 10.18 3.33 -3.61
C VAL A 44 11.49 3.24 -2.83
ZN ZN B . -0.74 -4.29 -0.77
ZN ZN C . 3.79 4.87 -4.10
N GLY A 1 -14.67 7.05 10.09
CA GLY A 1 -14.17 5.72 9.80
C GLY A 1 -12.68 5.59 10.05
N GLY A 2 -12.19 6.31 11.06
CA GLY A 2 -10.78 6.26 11.38
C GLY A 2 -10.27 4.85 11.57
N SER A 3 -8.95 4.70 11.70
CA SER A 3 -8.35 3.38 11.88
C SER A 3 -8.80 2.42 10.77
N GLY A 4 -8.83 2.93 9.54
CA GLY A 4 -9.23 2.10 8.42
C GLY A 4 -8.49 2.45 7.14
N GLN A 5 -7.45 1.69 6.85
CA GLN A 5 -6.65 1.92 5.65
C GLN A 5 -6.69 0.71 4.72
N HIS A 6 -6.89 0.96 3.44
CA HIS A 6 -6.94 -0.12 2.45
C HIS A 6 -5.94 0.13 1.33
N CYS A 7 -5.19 -0.91 0.98
CA CYS A 7 -4.19 -0.82 -0.07
C CYS A 7 -4.83 -0.42 -1.40
N GLN A 8 -4.29 0.60 -2.04
CA GLN A 8 -4.81 1.08 -3.31
C GLN A 8 -4.88 -0.06 -4.32
N VAL A 9 -3.81 -0.85 -4.39
CA VAL A 9 -3.75 -1.98 -5.31
C VAL A 9 -4.91 -2.95 -5.08
N GLU A 10 -5.88 -2.94 -5.99
CA GLU A 10 -7.03 -3.81 -5.88
C GLU A 10 -6.61 -5.27 -5.76
N HIS A 11 -5.46 -5.59 -6.34
CA HIS A 11 -4.94 -6.96 -6.29
C HIS A 11 -4.66 -7.38 -4.85
N CYS A 12 -4.27 -6.42 -4.02
CA CYS A 12 -3.98 -6.70 -2.62
C CYS A 12 -5.13 -7.46 -1.96
N ARG A 13 -4.86 -8.04 -0.80
CA ARG A 13 -5.87 -8.80 -0.08
C ARG A 13 -6.58 -7.92 0.94
N GLN A 14 -7.66 -8.45 1.53
CA GLN A 14 -8.41 -7.71 2.53
C GLN A 14 -7.78 -7.84 3.91
N ARG A 15 -7.10 -8.96 4.14
CA ARG A 15 -6.45 -9.21 5.42
C ARG A 15 -5.63 -7.99 5.86
N ASP A 16 -5.46 -7.85 7.17
CA ASP A 16 -4.69 -6.73 7.71
C ASP A 16 -3.33 -6.62 7.03
N PHE A 17 -2.85 -5.40 6.89
CA PHE A 17 -1.55 -5.16 6.26
C PHE A 17 -0.85 -3.97 6.90
N LEU A 18 0.41 -3.76 6.51
CA LEU A 18 1.19 -2.65 7.05
C LEU A 18 0.84 -1.34 6.35
N PRO A 19 0.26 -0.40 7.10
CA PRO A 19 -0.13 0.91 6.56
C PRO A 19 1.08 1.78 6.24
N PHE A 20 1.49 1.76 4.98
CA PHE A 20 2.64 2.55 4.54
C PHE A 20 2.28 3.40 3.32
N VAL A 21 2.10 4.69 3.54
CA VAL A 21 1.76 5.61 2.46
C VAL A 21 3.02 6.22 1.83
N CYS A 22 2.95 6.46 0.52
CA CYS A 22 4.09 7.03 -0.20
C CYS A 22 4.03 8.56 -0.17
N ASP A 23 5.15 9.17 0.22
CA ASP A 23 5.23 10.63 0.30
C ASP A 23 4.73 11.27 -0.98
N ASP A 24 5.13 10.72 -2.13
CA ASP A 24 4.72 11.24 -3.42
C ASP A 24 3.37 10.68 -3.82
N CYS A 25 3.14 9.41 -3.51
CA CYS A 25 1.88 8.75 -3.84
C CYS A 25 0.99 8.61 -2.60
N SER A 26 0.00 9.50 -2.50
CA SER A 26 -0.92 9.47 -1.37
C SER A 26 -1.52 8.08 -1.17
N GLY A 27 -1.69 7.36 -2.27
CA GLY A 27 -2.25 6.02 -2.20
C GLY A 27 -1.57 5.17 -1.17
N ILE A 28 -2.36 4.41 -0.41
CA ILE A 28 -1.83 3.53 0.63
C ILE A 28 -1.00 2.42 0.02
N PHE A 29 0.04 2.00 0.74
CA PHE A 29 0.92 0.93 0.28
C PHE A 29 1.34 0.03 1.43
N CYS A 30 1.69 -1.22 1.11
CA CYS A 30 2.10 -2.18 2.12
C CYS A 30 3.62 -2.34 2.12
N LEU A 31 4.14 -2.92 3.20
CA LEU A 31 5.58 -3.13 3.32
C LEU A 31 6.05 -4.23 2.38
N GLU A 32 5.25 -5.29 2.26
CA GLU A 32 5.59 -6.41 1.40
C GLU A 32 5.32 -6.06 -0.07
N HIS A 33 4.22 -5.35 -0.30
CA HIS A 33 3.84 -4.95 -1.65
C HIS A 33 5.02 -4.32 -2.38
N ARG A 34 5.87 -3.63 -1.63
CA ARG A 34 7.04 -2.97 -2.22
C ARG A 34 7.90 -3.97 -2.99
N SER A 35 8.22 -5.09 -2.36
CA SER A 35 9.03 -6.12 -2.99
C SER A 35 8.39 -6.59 -4.30
N ARG A 36 7.06 -6.62 -4.33
CA ARG A 36 6.34 -7.05 -5.51
C ARG A 36 6.43 -6.00 -6.61
N GLU A 37 6.48 -4.73 -6.21
CA GLU A 37 6.57 -3.64 -7.17
C GLU A 37 5.33 -3.58 -8.06
N SER A 38 4.17 -3.89 -7.48
CA SER A 38 2.92 -3.88 -8.21
C SER A 38 2.41 -2.45 -8.42
N HIS A 39 2.82 -1.55 -7.52
CA HIS A 39 2.42 -0.16 -7.60
C HIS A 39 3.35 0.63 -8.51
N GLY A 40 4.63 0.27 -8.49
CA GLY A 40 5.61 0.95 -9.32
C GLY A 40 6.00 2.30 -8.76
N CYS A 41 6.29 2.34 -7.47
CA CYS A 41 6.68 3.59 -6.81
C CYS A 41 7.78 4.30 -7.59
N PRO A 42 7.71 5.63 -7.61
CA PRO A 42 8.69 6.47 -8.32
C PRO A 42 10.06 6.45 -7.66
N GLU A 43 10.08 6.27 -6.34
CA GLU A 43 11.32 6.23 -5.58
C GLU A 43 11.75 4.79 -5.33
N VAL A 44 11.49 3.92 -6.30
CA VAL A 44 11.86 2.51 -6.18
C VAL A 44 12.38 1.97 -7.50
ZN ZN B . -0.99 -3.87 -0.71
ZN ZN C . 4.30 5.04 -4.20
N GLY A 1 -15.48 3.15 14.58
CA GLY A 1 -15.13 4.32 15.37
C GLY A 1 -13.64 4.56 15.40
N GLY A 2 -12.99 4.43 14.25
CA GLY A 2 -11.56 4.64 14.18
C GLY A 2 -11.10 4.97 12.77
N SER A 3 -9.79 4.84 12.53
CA SER A 3 -9.22 5.12 11.21
C SER A 3 -8.69 3.85 10.57
N GLY A 4 -9.01 3.66 9.29
CA GLY A 4 -8.55 2.48 8.57
C GLY A 4 -8.54 2.68 7.07
N GLN A 5 -7.41 2.36 6.45
CA GLN A 5 -7.26 2.52 5.01
C GLN A 5 -7.08 1.16 4.33
N HIS A 6 -7.09 1.16 3.00
CA HIS A 6 -6.92 -0.06 2.24
C HIS A 6 -5.94 0.14 1.09
N CYS A 7 -5.14 -0.89 0.81
CA CYS A 7 -4.15 -0.82 -0.25
C CYS A 7 -4.80 -0.41 -1.57
N GLN A 8 -4.27 0.64 -2.19
CA GLN A 8 -4.79 1.13 -3.46
C GLN A 8 -4.89 0.00 -4.48
N VAL A 9 -3.85 -0.81 -4.55
CA VAL A 9 -3.81 -1.93 -5.49
C VAL A 9 -4.96 -2.90 -5.22
N GLU A 10 -5.97 -2.84 -6.09
CA GLU A 10 -7.13 -3.72 -5.95
C GLU A 10 -6.71 -5.18 -5.90
N HIS A 11 -5.60 -5.51 -6.57
CA HIS A 11 -5.09 -6.86 -6.59
C HIS A 11 -4.74 -7.35 -5.19
N CYS A 12 -4.33 -6.41 -4.34
CA CYS A 12 -3.96 -6.73 -2.97
C CYS A 12 -5.05 -7.56 -2.29
N ARG A 13 -4.68 -8.23 -1.21
CA ARG A 13 -5.62 -9.06 -0.47
C ARG A 13 -6.40 -8.23 0.55
N GLN A 14 -7.45 -8.82 1.12
CA GLN A 14 -8.28 -8.14 2.10
C GLN A 14 -7.67 -8.25 3.49
N ARG A 15 -6.94 -9.33 3.73
CA ARG A 15 -6.30 -9.56 5.03
C ARG A 15 -5.53 -8.32 5.47
N ASP A 16 -5.32 -8.20 6.77
CA ASP A 16 -4.60 -7.06 7.34
C ASP A 16 -3.26 -6.87 6.63
N PHE A 17 -2.81 -5.62 6.53
CA PHE A 17 -1.56 -5.31 5.88
C PHE A 17 -0.86 -4.14 6.57
N LEU A 18 0.40 -3.91 6.21
CA LEU A 18 1.18 -2.82 6.79
C LEU A 18 0.82 -1.48 6.15
N PRO A 19 0.26 -0.57 6.94
CA PRO A 19 -0.13 0.76 6.47
C PRO A 19 1.07 1.64 6.13
N PHE A 20 1.49 1.61 4.88
CA PHE A 20 2.64 2.40 4.43
C PHE A 20 2.26 3.26 3.22
N VAL A 21 2.11 4.57 3.45
CA VAL A 21 1.76 5.49 2.39
C VAL A 21 3.00 6.11 1.76
N CYS A 22 2.94 6.36 0.47
CA CYS A 22 4.06 6.96 -0.26
C CYS A 22 4.01 8.48 -0.19
N ASP A 23 5.14 9.08 0.17
CA ASP A 23 5.22 10.54 0.27
C ASP A 23 4.71 11.20 -1.00
N ASP A 24 5.10 10.67 -2.15
CA ASP A 24 4.68 11.22 -3.43
C ASP A 24 3.32 10.66 -3.84
N CYS A 25 3.10 9.38 -3.54
CA CYS A 25 1.84 8.72 -3.87
C CYS A 25 0.96 8.57 -2.63
N SER A 26 -0.02 9.45 -2.49
CA SER A 26 -0.93 9.42 -1.36
C SER A 26 -1.53 8.04 -1.18
N GLY A 27 -1.72 7.33 -2.29
CA GLY A 27 -2.28 6.00 -2.24
C GLY A 27 -1.60 5.11 -1.22
N ILE A 28 -2.39 4.34 -0.48
CA ILE A 28 -1.85 3.45 0.54
C ILE A 28 -0.99 2.35 -0.09
N PHE A 29 0.02 1.90 0.64
CA PHE A 29 0.91 0.85 0.15
C PHE A 29 1.31 -0.08 1.29
N CYS A 30 1.66 -1.32 0.94
CA CYS A 30 2.07 -2.30 1.93
C CYS A 30 3.59 -2.46 1.94
N LEU A 31 4.12 -3.04 3.01
CA LEU A 31 5.56 -3.26 3.14
C LEU A 31 6.04 -4.34 2.19
N GLU A 32 5.23 -5.38 2.02
CA GLU A 32 5.57 -6.49 1.14
C GLU A 32 5.30 -6.12 -0.31
N HIS A 33 4.21 -5.39 -0.55
CA HIS A 33 3.85 -4.97 -1.89
C HIS A 33 5.03 -4.33 -2.60
N ARG A 34 5.88 -3.66 -1.84
CA ARG A 34 7.06 -3.01 -2.40
C ARG A 34 7.89 -3.98 -3.22
N SER A 35 8.23 -5.11 -2.62
CA SER A 35 9.04 -6.13 -3.29
C SER A 35 8.37 -6.57 -4.59
N ARG A 36 7.05 -6.60 -4.59
CA ARG A 36 6.29 -7.00 -5.78
C ARG A 36 6.37 -5.93 -6.85
N GLU A 37 6.47 -4.67 -6.43
CA GLU A 37 6.54 -3.55 -7.37
C GLU A 37 5.30 -3.50 -8.25
N SER A 38 4.15 -3.84 -7.67
CA SER A 38 2.90 -3.84 -8.41
C SER A 38 2.38 -2.41 -8.60
N HIS A 39 2.79 -1.52 -7.71
CA HIS A 39 2.37 -0.12 -7.76
C HIS A 39 3.29 0.69 -8.67
N GLY A 40 4.58 0.34 -8.65
CA GLY A 40 5.55 1.04 -9.48
C GLY A 40 5.94 2.38 -8.90
N CYS A 41 6.25 2.39 -7.60
CA CYS A 41 6.64 3.63 -6.92
C CYS A 41 7.74 4.35 -7.69
N PRO A 42 7.68 5.69 -7.69
CA PRO A 42 8.67 6.52 -8.39
C PRO A 42 10.04 6.48 -7.72
N GLU A 43 10.05 6.28 -6.41
CA GLU A 43 11.30 6.21 -5.67
C GLU A 43 11.18 5.25 -4.48
N VAL A 44 10.68 4.05 -4.76
CA VAL A 44 10.50 3.04 -3.72
C VAL A 44 11.79 2.83 -2.94
ZN ZN B . -1.01 -3.92 -0.93
ZN ZN C . 4.26 5.03 -4.29
N GLY A 1 -7.99 -5.23 11.37
CA GLY A 1 -8.48 -4.14 10.54
C GLY A 1 -8.46 -2.80 11.27
N GLY A 2 -8.77 -1.73 10.55
CA GLY A 2 -8.77 -0.41 11.15
C GLY A 2 -9.67 0.57 10.41
N SER A 3 -10.61 1.18 11.12
CA SER A 3 -11.53 2.13 10.52
C SER A 3 -10.77 3.29 9.88
N GLY A 4 -10.79 3.35 8.56
CA GLY A 4 -10.09 4.41 7.86
C GLY A 4 -9.93 4.13 6.38
N GLN A 5 -8.69 3.89 5.96
CA GLN A 5 -8.40 3.60 4.56
C GLN A 5 -7.61 2.31 4.42
N HIS A 6 -7.54 1.79 3.20
CA HIS A 6 -6.83 0.54 2.93
C HIS A 6 -5.90 0.70 1.74
N CYS A 7 -5.10 -0.32 1.48
CA CYS A 7 -4.17 -0.31 0.35
C CYS A 7 -4.87 0.09 -0.94
N GLN A 8 -4.29 1.06 -1.64
CA GLN A 8 -4.87 1.54 -2.89
C GLN A 8 -4.98 0.40 -3.91
N VAL A 9 -3.93 -0.41 -3.98
CA VAL A 9 -3.89 -1.53 -4.92
C VAL A 9 -5.07 -2.48 -4.68
N GLU A 10 -6.01 -2.48 -5.61
CA GLU A 10 -7.19 -3.33 -5.50
C GLU A 10 -6.79 -4.79 -5.37
N HIS A 11 -5.65 -5.14 -5.95
CA HIS A 11 -5.15 -6.51 -5.89
C HIS A 11 -4.91 -6.94 -4.45
N CYS A 12 -4.51 -6.00 -3.61
CA CYS A 12 -4.24 -6.28 -2.20
C CYS A 12 -5.40 -7.04 -1.58
N ARG A 13 -5.17 -7.60 -0.39
CA ARG A 13 -6.20 -8.36 0.32
C ARG A 13 -6.74 -7.57 1.50
N GLN A 14 -7.71 -8.14 2.19
CA GLN A 14 -8.31 -7.48 3.35
C GLN A 14 -7.47 -7.71 4.60
N ARG A 15 -6.70 -8.78 4.60
CA ARG A 15 -5.86 -9.12 5.75
C ARG A 15 -5.08 -7.89 6.22
N ASP A 16 -4.83 -7.82 7.53
CA ASP A 16 -4.09 -6.70 8.10
C ASP A 16 -2.77 -6.48 7.36
N PHE A 17 -2.38 -5.21 7.24
CA PHE A 17 -1.14 -4.87 6.55
C PHE A 17 -0.47 -3.66 7.22
N LEU A 18 0.77 -3.41 6.84
CA LEU A 18 1.53 -2.29 7.41
C LEU A 18 1.20 -0.99 6.67
N PRO A 19 0.70 0.01 7.42
CA PRO A 19 0.34 1.31 6.85
C PRO A 19 1.58 2.11 6.43
N PHE A 20 1.91 2.04 5.15
CA PHE A 20 3.06 2.76 4.63
C PHE A 20 2.66 3.61 3.41
N VAL A 21 2.58 4.91 3.62
CA VAL A 21 2.21 5.83 2.54
C VAL A 21 3.45 6.41 1.86
N CYS A 22 3.34 6.64 0.56
CA CYS A 22 4.46 7.18 -0.20
C CYS A 22 4.42 8.71 -0.19
N ASP A 23 5.57 9.32 0.10
CA ASP A 23 5.68 10.77 0.14
C ASP A 23 5.12 11.40 -1.13
N ASP A 24 5.48 10.81 -2.28
CA ASP A 24 5.02 11.32 -3.57
C ASP A 24 3.65 10.75 -3.91
N CYS A 25 3.42 9.49 -3.55
CA CYS A 25 2.14 8.83 -3.82
C CYS A 25 1.29 8.75 -2.56
N SER A 26 0.35 9.68 -2.42
CA SER A 26 -0.52 9.72 -1.26
C SER A 26 -1.16 8.36 -1.01
N GLY A 27 -1.39 7.62 -2.10
CA GLY A 27 -2.01 6.30 -1.99
C GLY A 27 -1.33 5.44 -0.94
N ILE A 28 -2.13 4.74 -0.14
CA ILE A 28 -1.60 3.87 0.90
C ILE A 28 -0.84 2.69 0.30
N PHE A 29 0.23 2.28 0.95
CA PHE A 29 1.04 1.17 0.48
C PHE A 29 1.45 0.26 1.65
N CYS A 30 1.70 -1.01 1.34
CA CYS A 30 2.10 -1.97 2.36
C CYS A 30 3.60 -2.24 2.31
N LEU A 31 4.14 -2.84 3.35
CA LEU A 31 5.56 -3.16 3.43
C LEU A 31 5.92 -4.27 2.46
N GLU A 32 5.13 -5.34 2.47
CA GLU A 32 5.37 -6.48 1.59
C GLU A 32 5.06 -6.11 0.14
N HIS A 33 4.01 -5.32 -0.05
CA HIS A 33 3.61 -4.90 -1.39
C HIS A 33 4.80 -4.35 -2.18
N ARG A 34 5.71 -3.70 -1.46
CA ARG A 34 6.90 -3.11 -2.08
C ARG A 34 7.66 -4.17 -2.87
N SER A 35 7.95 -5.29 -2.24
CA SER A 35 8.68 -6.38 -2.88
C SER A 35 7.99 -6.82 -4.15
N ARG A 36 6.66 -6.78 -4.14
CA ARG A 36 5.86 -7.19 -5.29
C ARG A 36 5.97 -6.15 -6.41
N GLU A 37 6.11 -4.89 -6.02
CA GLU A 37 6.22 -3.81 -7.00
C GLU A 37 4.96 -3.70 -7.84
N SER A 38 3.80 -3.94 -7.22
CA SER A 38 2.53 -3.88 -7.90
C SER A 38 2.09 -2.43 -8.12
N HIS A 39 2.59 -1.53 -7.26
CA HIS A 39 2.25 -0.12 -7.36
C HIS A 39 3.20 0.59 -8.32
N GLY A 40 4.45 0.15 -8.36
CA GLY A 40 5.43 0.76 -9.24
C GLY A 40 5.88 2.12 -8.74
N CYS A 41 6.22 2.19 -7.47
CA CYS A 41 6.68 3.45 -6.87
C CYS A 41 7.76 4.10 -7.73
N PRO A 42 7.74 5.44 -7.79
CA PRO A 42 8.72 6.20 -8.58
C PRO A 42 10.11 6.16 -7.97
N GLU A 43 10.17 6.04 -6.64
CA GLU A 43 11.45 5.98 -5.94
C GLU A 43 11.77 4.56 -5.51
N VAL A 44 11.39 3.59 -6.34
CA VAL A 44 11.64 2.19 -6.05
C VAL A 44 11.86 1.40 -7.33
ZN ZN B . -1.17 -3.56 -0.33
ZN ZN C . 4.52 5.10 -4.16
N GLY A 1 -15.04 4.33 13.95
CA GLY A 1 -13.98 4.35 12.97
C GLY A 1 -12.60 4.18 13.60
N GLY A 2 -11.58 4.05 12.76
CA GLY A 2 -10.22 3.88 13.26
C GLY A 2 -9.49 2.74 12.58
N SER A 3 -8.26 3.00 12.17
CA SER A 3 -7.45 1.98 11.50
C SER A 3 -8.16 1.47 10.25
N GLY A 4 -8.66 2.38 9.43
CA GLY A 4 -9.36 1.99 8.21
C GLY A 4 -8.57 2.32 6.96
N GLN A 5 -7.73 1.39 6.53
CA GLN A 5 -6.91 1.58 5.35
C GLN A 5 -6.72 0.27 4.58
N HIS A 6 -6.76 0.35 3.26
CA HIS A 6 -6.60 -0.84 2.43
C HIS A 6 -5.63 -0.56 1.28
N CYS A 7 -4.77 -1.53 0.97
CA CYS A 7 -3.80 -1.39 -0.09
C CYS A 7 -4.47 -0.94 -1.39
N GLN A 8 -3.97 0.14 -1.97
CA GLN A 8 -4.52 0.67 -3.21
C GLN A 8 -4.64 -0.42 -4.27
N VAL A 9 -3.61 -1.26 -4.37
CA VAL A 9 -3.60 -2.35 -5.34
C VAL A 9 -4.79 -3.26 -5.15
N GLU A 10 -5.72 -3.23 -6.10
CA GLU A 10 -6.92 -4.06 -6.04
C GLU A 10 -6.55 -5.53 -5.87
N HIS A 11 -5.42 -5.92 -6.44
CA HIS A 11 -4.96 -7.30 -6.35
C HIS A 11 -4.70 -7.70 -4.90
N CYS A 12 -4.24 -6.75 -4.10
CA CYS A 12 -3.95 -7.00 -2.70
C CYS A 12 -5.24 -7.22 -1.92
N ARG A 13 -5.11 -7.67 -0.68
CA ARG A 13 -6.27 -7.92 0.18
C ARG A 13 -6.75 -6.62 0.84
N GLN A 14 -7.81 -6.74 1.62
CA GLN A 14 -8.37 -5.57 2.32
C GLN A 14 -7.62 -5.31 3.62
N ARG A 15 -7.21 -6.38 4.29
CA ARG A 15 -6.49 -6.27 5.55
C ARG A 15 -5.37 -7.29 5.62
N ASP A 16 -4.79 -7.45 6.82
CA ASP A 16 -3.71 -8.40 7.03
C ASP A 16 -2.45 -7.96 6.27
N PHE A 17 -2.20 -6.65 6.27
CA PHE A 17 -1.03 -6.11 5.59
C PHE A 17 -0.47 -4.91 6.34
N LEU A 18 0.83 -4.71 6.23
CA LEU A 18 1.50 -3.59 6.90
C LEU A 18 1.11 -2.26 6.26
N PRO A 19 0.51 -1.37 7.07
CA PRO A 19 0.08 -0.04 6.61
C PRO A 19 1.26 0.87 6.30
N PHE A 20 1.51 1.09 5.02
CA PHE A 20 2.61 1.95 4.57
C PHE A 20 2.19 2.81 3.39
N VAL A 21 1.88 4.07 3.66
CA VAL A 21 1.47 5.00 2.62
C VAL A 21 2.68 5.71 2.01
N CYS A 22 2.59 6.00 0.71
CA CYS A 22 3.67 6.66 0.00
C CYS A 22 3.53 8.18 0.12
N ASP A 23 4.63 8.85 0.49
CA ASP A 23 4.63 10.30 0.63
C ASP A 23 4.06 10.97 -0.62
N ASP A 24 4.47 10.49 -1.78
CA ASP A 24 3.99 11.05 -3.05
C ASP A 24 2.66 10.42 -3.45
N CYS A 25 2.52 9.13 -3.18
CA CYS A 25 1.30 8.40 -3.53
C CYS A 25 0.45 8.16 -2.28
N SER A 26 -0.62 8.92 -2.15
CA SER A 26 -1.51 8.80 -1.00
C SER A 26 -2.00 7.36 -0.85
N GLY A 27 -2.14 6.68 -1.98
CA GLY A 27 -2.60 5.29 -1.95
C GLY A 27 -1.83 4.45 -0.96
N ILE A 28 -2.55 3.62 -0.21
CA ILE A 28 -1.93 2.75 0.79
C ILE A 28 -1.03 1.72 0.13
N PHE A 29 0.06 1.37 0.81
CA PHE A 29 1.01 0.39 0.28
C PHE A 29 1.52 -0.53 1.39
N CYS A 30 1.93 -1.73 1.02
CA CYS A 30 2.43 -2.70 1.98
C CYS A 30 3.96 -2.75 1.95
N LEU A 31 4.55 -3.37 2.98
CA LEU A 31 5.99 -3.50 3.06
C LEU A 31 6.52 -4.48 2.03
N GLU A 32 5.88 -5.64 1.94
CA GLU A 32 6.28 -6.68 0.99
C GLU A 32 5.94 -6.27 -0.43
N HIS A 33 4.81 -5.59 -0.60
CA HIS A 33 4.37 -5.14 -1.91
C HIS A 33 5.49 -4.40 -2.63
N ARG A 34 6.29 -3.67 -1.87
CA ARG A 34 7.40 -2.91 -2.42
C ARG A 34 8.33 -3.80 -3.24
N SER A 35 8.68 -4.94 -2.67
CA SER A 35 9.57 -5.89 -3.35
C SER A 35 8.99 -6.29 -4.71
N ARG A 36 7.69 -6.55 -4.74
CA ARG A 36 7.02 -6.95 -5.98
C ARG A 36 6.97 -5.78 -6.96
N GLU A 37 6.87 -4.57 -6.43
CA GLU A 37 6.81 -3.37 -7.27
C GLU A 37 5.56 -3.39 -8.15
N SER A 38 4.47 -3.89 -7.61
CA SER A 38 3.21 -3.97 -8.35
C SER A 38 2.60 -2.58 -8.51
N HIS A 39 2.94 -1.68 -7.60
CA HIS A 39 2.42 -0.31 -7.64
C HIS A 39 3.28 0.57 -8.54
N GLY A 40 4.59 0.32 -8.54
CA GLY A 40 5.50 1.09 -9.35
C GLY A 40 5.80 2.45 -8.74
N CYS A 41 6.11 2.48 -7.45
CA CYS A 41 6.41 3.72 -6.76
C CYS A 41 7.44 4.54 -7.54
N PRO A 42 7.27 5.87 -7.51
CA PRO A 42 8.17 6.80 -8.20
C PRO A 42 9.56 6.85 -7.55
N GLU A 43 9.60 6.63 -6.24
CA GLU A 43 10.86 6.66 -5.51
C GLU A 43 10.83 5.67 -4.34
N VAL A 44 10.43 4.44 -4.62
CA VAL A 44 10.35 3.41 -3.60
C VAL A 44 11.67 3.29 -2.83
ZN ZN B . -0.54 -4.37 -0.89
ZN ZN C . 3.95 4.89 -4.09
N GLY A 1 -15.57 8.75 16.89
CA GLY A 1 -15.55 8.45 15.48
C GLY A 1 -14.32 7.67 15.06
N GLY A 2 -14.01 7.70 13.77
CA GLY A 2 -12.85 6.99 13.26
C GLY A 2 -12.97 6.64 11.79
N SER A 3 -11.83 6.60 11.10
CA SER A 3 -11.82 6.29 9.68
C SER A 3 -11.09 4.98 9.42
N GLY A 4 -11.04 4.58 8.15
CA GLY A 4 -10.38 3.34 7.79
C GLY A 4 -9.66 3.44 6.46
N GLN A 5 -8.49 2.83 6.38
CA GLN A 5 -7.70 2.85 5.15
C GLN A 5 -7.26 1.44 4.75
N HIS A 6 -7.09 1.22 3.45
CA HIS A 6 -6.68 -0.08 2.94
C HIS A 6 -5.74 0.07 1.74
N CYS A 7 -4.97 -0.96 1.47
CA CYS A 7 -4.03 -0.95 0.34
C CYS A 7 -4.73 -0.54 -0.94
N GLN A 8 -4.18 0.46 -1.63
CA GLN A 8 -4.76 0.94 -2.87
C GLN A 8 -4.90 -0.19 -3.89
N VAL A 9 -3.87 -1.02 -3.98
CA VAL A 9 -3.87 -2.14 -4.91
C VAL A 9 -5.02 -3.10 -4.61
N GLU A 10 -6.07 -3.04 -5.41
CA GLU A 10 -7.23 -3.91 -5.23
C GLU A 10 -6.81 -5.38 -5.20
N HIS A 11 -5.74 -5.70 -5.90
CA HIS A 11 -5.23 -7.07 -5.94
C HIS A 11 -4.84 -7.56 -4.55
N CYS A 12 -4.40 -6.62 -3.71
CA CYS A 12 -4.00 -6.96 -2.35
C CYS A 12 -5.07 -7.79 -1.66
N ARG A 13 -4.69 -8.45 -0.56
CA ARG A 13 -5.62 -9.28 0.20
C ARG A 13 -6.32 -8.46 1.27
N GLN A 14 -7.34 -9.05 1.88
CA GLN A 14 -8.10 -8.38 2.93
C GLN A 14 -7.39 -8.51 4.28
N ARG A 15 -6.65 -9.60 4.46
CA ARG A 15 -5.94 -9.85 5.70
C ARG A 15 -5.15 -8.62 6.13
N ASP A 16 -4.87 -8.52 7.42
CA ASP A 16 -4.12 -7.39 7.96
C ASP A 16 -2.82 -7.18 7.19
N PHE A 17 -2.39 -5.92 7.10
CA PHE A 17 -1.17 -5.59 6.38
C PHE A 17 -0.44 -4.42 7.05
N LEU A 18 0.79 -4.19 6.65
CA LEU A 18 1.60 -3.11 7.22
C LEU A 18 1.25 -1.77 6.56
N PRO A 19 0.76 -0.83 7.38
CA PRO A 19 0.38 0.50 6.90
C PRO A 19 1.59 1.34 6.49
N PHE A 20 1.85 1.40 5.19
CA PHE A 20 2.98 2.16 4.66
C PHE A 20 2.54 3.04 3.49
N VAL A 21 2.42 4.34 3.75
CA VAL A 21 2.01 5.30 2.73
C VAL A 21 3.22 5.92 2.04
N CYS A 22 3.09 6.20 0.76
CA CYS A 22 4.17 6.80 -0.01
C CYS A 22 4.10 8.32 0.05
N ASP A 23 5.23 8.95 0.35
CA ASP A 23 5.31 10.40 0.44
C ASP A 23 4.72 11.04 -0.82
N ASP A 24 5.08 10.52 -1.98
CA ASP A 24 4.59 11.04 -3.24
C ASP A 24 3.22 10.47 -3.59
N CYS A 25 3.03 9.19 -3.26
CA CYS A 25 1.77 8.52 -3.55
C CYS A 25 0.94 8.36 -2.26
N SER A 26 -0.04 9.24 -2.09
CA SER A 26 -0.90 9.21 -0.92
C SER A 26 -1.49 7.82 -0.71
N GLY A 27 -1.73 7.12 -1.81
CA GLY A 27 -2.29 5.79 -1.74
C GLY A 27 -1.56 4.90 -0.74
N ILE A 28 -2.31 4.12 0.02
CA ILE A 28 -1.73 3.23 1.02
C ILE A 28 -0.91 2.12 0.35
N PHE A 29 0.14 1.69 1.03
CA PHE A 29 1.00 0.63 0.50
C PHE A 29 1.48 -0.29 1.62
N CYS A 30 1.77 -1.54 1.27
CA CYS A 30 2.22 -2.53 2.24
C CYS A 30 3.73 -2.72 2.14
N LEU A 31 4.32 -3.32 3.17
CA LEU A 31 5.76 -3.57 3.20
C LEU A 31 6.14 -4.67 2.20
N GLU A 32 5.39 -5.77 2.23
CA GLU A 32 5.65 -6.88 1.33
C GLU A 32 5.30 -6.52 -0.11
N HIS A 33 4.30 -5.65 -0.26
CA HIS A 33 3.87 -5.22 -1.59
C HIS A 33 5.03 -4.58 -2.36
N ARG A 34 5.90 -3.90 -1.62
CA ARG A 34 7.05 -3.24 -2.24
C ARG A 34 7.87 -4.21 -3.06
N SER A 35 8.23 -5.34 -2.45
CA SER A 35 9.02 -6.37 -3.13
C SER A 35 8.33 -6.82 -4.42
N ARG A 36 7.01 -6.85 -4.39
CA ARG A 36 6.23 -7.27 -5.56
C ARG A 36 6.28 -6.20 -6.65
N GLU A 37 6.32 -4.94 -6.24
CA GLU A 37 6.36 -3.83 -7.18
C GLU A 37 5.09 -3.76 -8.02
N SER A 38 3.96 -4.08 -7.39
CA SER A 38 2.67 -4.06 -8.08
C SER A 38 2.16 -2.64 -8.23
N HIS A 39 2.61 -1.74 -7.36
CA HIS A 39 2.20 -0.35 -7.40
C HIS A 39 3.08 0.46 -8.35
N GLY A 40 4.36 0.09 -8.40
CA GLY A 40 5.30 0.78 -9.26
C GLY A 40 5.70 2.14 -8.72
N CYS A 41 6.05 2.17 -7.44
CA CYS A 41 6.46 3.41 -6.79
C CYS A 41 7.50 4.15 -7.62
N PRO A 42 7.42 5.48 -7.64
CA PRO A 42 8.35 6.33 -8.40
C PRO A 42 9.75 6.33 -7.79
N GLU A 43 9.82 6.17 -6.48
CA GLU A 43 11.10 6.14 -5.78
C GLU A 43 11.47 4.72 -5.36
N VAL A 44 11.12 3.75 -6.20
CA VAL A 44 11.42 2.35 -5.91
C VAL A 44 11.68 1.58 -7.20
ZN ZN B . -0.99 -4.10 -0.46
ZN ZN C . 4.21 4.84 -4.03
N GLY A 1 -8.21 -1.96 15.42
CA GLY A 1 -8.15 -0.95 14.38
C GLY A 1 -9.45 -0.85 13.60
N GLY A 2 -9.87 0.38 13.31
CA GLY A 2 -11.10 0.59 12.57
C GLY A 2 -10.87 0.69 11.07
N SER A 3 -11.79 1.36 10.39
CA SER A 3 -11.68 1.52 8.93
C SER A 3 -11.43 2.98 8.58
N GLY A 4 -10.71 3.20 7.47
CA GLY A 4 -10.41 4.54 7.03
C GLY A 4 -9.33 4.58 5.97
N GLN A 5 -8.34 3.71 6.11
CA GLN A 5 -7.23 3.65 5.16
C GLN A 5 -7.07 2.24 4.61
N HIS A 6 -7.18 2.10 3.29
CA HIS A 6 -7.05 0.81 2.64
C HIS A 6 -6.08 0.89 1.46
N CYS A 7 -5.34 -0.19 1.24
CA CYS A 7 -4.37 -0.24 0.15
C CYS A 7 -5.02 0.15 -1.17
N GLN A 8 -4.40 1.11 -1.87
CA GLN A 8 -4.92 1.58 -3.15
C GLN A 8 -5.06 0.42 -4.14
N VAL A 9 -4.05 -0.45 -4.16
CA VAL A 9 -4.05 -1.59 -5.06
C VAL A 9 -5.26 -2.49 -4.82
N GLU A 10 -5.95 -2.84 -5.88
CA GLU A 10 -7.14 -3.69 -5.79
C GLU A 10 -6.74 -5.15 -5.55
N HIS A 11 -5.57 -5.53 -6.04
CA HIS A 11 -5.07 -6.89 -5.88
C HIS A 11 -4.91 -7.24 -4.41
N CYS A 12 -4.58 -6.24 -3.59
CA CYS A 12 -4.40 -6.44 -2.16
C CYS A 12 -5.60 -7.19 -1.56
N ARG A 13 -5.40 -7.74 -0.37
CA ARG A 13 -6.45 -8.49 0.30
C ARG A 13 -6.96 -7.73 1.53
N GLN A 14 -7.93 -8.31 2.23
CA GLN A 14 -8.49 -7.70 3.42
C GLN A 14 -7.60 -7.94 4.63
N ARG A 15 -6.77 -8.99 4.56
CA ARG A 15 -5.87 -9.33 5.65
C ARG A 15 -5.12 -8.10 6.15
N ASP A 16 -4.89 -8.04 7.45
CA ASP A 16 -4.19 -6.92 8.05
C ASP A 16 -2.87 -6.65 7.33
N PHE A 17 -2.51 -5.38 7.20
CA PHE A 17 -1.27 -5.01 6.53
C PHE A 17 -0.64 -3.79 7.19
N LEU A 18 0.64 -3.56 6.92
CA LEU A 18 1.37 -2.44 7.49
C LEU A 18 1.09 -1.16 6.71
N PRO A 19 0.60 -0.12 7.41
CA PRO A 19 0.30 1.17 6.78
C PRO A 19 1.55 1.92 6.37
N PHE A 20 1.71 2.11 5.06
CA PHE A 20 2.87 2.82 4.52
C PHE A 20 2.48 3.65 3.31
N VAL A 21 2.43 4.97 3.49
CA VAL A 21 2.08 5.88 2.41
C VAL A 21 3.33 6.42 1.70
N CYS A 22 3.23 6.62 0.40
CA CYS A 22 4.35 7.14 -0.38
C CYS A 22 4.34 8.67 -0.40
N ASP A 23 5.49 9.26 -0.11
CA ASP A 23 5.62 10.71 -0.10
C ASP A 23 5.09 11.32 -1.40
N ASP A 24 5.45 10.71 -2.52
CA ASP A 24 5.01 11.18 -3.83
C ASP A 24 3.63 10.64 -4.17
N CYS A 25 3.38 9.39 -3.79
CA CYS A 25 2.09 8.76 -4.05
C CYS A 25 1.23 8.71 -2.79
N SER A 26 0.30 9.66 -2.68
CA SER A 26 -0.58 9.72 -1.52
C SER A 26 -1.25 8.38 -1.27
N GLY A 27 -1.50 7.63 -2.33
CA GLY A 27 -2.13 6.33 -2.19
C GLY A 27 -1.46 5.47 -1.15
N ILE A 28 -2.27 4.79 -0.34
CA ILE A 28 -1.76 3.93 0.72
C ILE A 28 -1.00 2.74 0.13
N PHE A 29 0.04 2.31 0.84
CA PHE A 29 0.86 1.19 0.39
C PHE A 29 1.24 0.29 1.57
N CYS A 30 1.48 -0.99 1.28
CA CYS A 30 1.85 -1.95 2.31
C CYS A 30 3.36 -2.23 2.28
N LEU A 31 3.87 -2.83 3.35
CA LEU A 31 5.29 -3.15 3.44
C LEU A 31 5.65 -4.28 2.49
N GLU A 32 4.85 -5.34 2.50
CA GLU A 32 5.09 -6.48 1.64
C GLU A 32 4.82 -6.13 0.18
N HIS A 33 3.77 -5.33 -0.05
CA HIS A 33 3.41 -4.93 -1.41
C HIS A 33 4.61 -4.38 -2.15
N ARG A 34 5.51 -3.72 -1.42
CA ARG A 34 6.71 -3.14 -2.02
C ARG A 34 7.51 -4.20 -2.76
N SER A 35 7.71 -5.35 -2.12
CA SER A 35 8.46 -6.44 -2.72
C SER A 35 7.80 -6.91 -4.02
N ARG A 36 6.47 -6.88 -4.04
CA ARG A 36 5.72 -7.30 -5.22
C ARG A 36 5.85 -6.28 -6.34
N GLU A 37 5.96 -5.01 -5.97
CA GLU A 37 6.10 -3.94 -6.95
C GLU A 37 4.85 -3.84 -7.83
N SER A 38 3.69 -4.11 -7.23
CA SER A 38 2.42 -4.05 -7.96
C SER A 38 2.00 -2.60 -8.18
N HIS A 39 2.49 -1.70 -7.34
CA HIS A 39 2.15 -0.29 -7.46
C HIS A 39 3.11 0.42 -8.42
N GLY A 40 4.36 -0.02 -8.42
CA GLY A 40 5.35 0.58 -9.30
C GLY A 40 5.81 1.94 -8.81
N CYS A 41 6.14 2.03 -7.53
CA CYS A 41 6.59 3.28 -6.92
C CYS A 41 7.70 3.91 -7.77
N PRO A 42 7.68 5.25 -7.85
CA PRO A 42 8.66 6.01 -8.63
C PRO A 42 10.05 5.96 -7.99
N GLU A 43 10.09 5.85 -6.67
CA GLU A 43 11.35 5.80 -5.94
C GLU A 43 11.61 4.40 -5.39
N VAL A 44 11.19 3.39 -6.14
CA VAL A 44 11.37 2.00 -5.73
C VAL A 44 11.58 1.09 -6.94
ZN ZN B . -1.45 -3.61 -0.35
ZN ZN C . 4.39 4.95 -4.29
N GLY A 1 -14.46 -4.23 10.39
CA GLY A 1 -13.02 -4.28 10.21
C GLY A 1 -12.35 -2.96 10.55
N GLY A 2 -12.90 -1.88 10.02
CA GLY A 2 -12.34 -0.55 10.29
C GLY A 2 -12.61 0.41 9.16
N SER A 3 -12.99 1.64 9.52
CA SER A 3 -13.28 2.66 8.52
C SER A 3 -12.20 3.74 8.53
N GLY A 4 -11.19 3.57 7.68
CA GLY A 4 -10.12 4.54 7.59
C GLY A 4 -9.46 4.57 6.24
N GLN A 5 -8.42 3.76 6.06
CA GLN A 5 -7.71 3.70 4.79
C GLN A 5 -7.11 2.30 4.58
N HIS A 6 -7.11 1.85 3.32
CA HIS A 6 -6.56 0.55 2.97
C HIS A 6 -5.64 0.64 1.76
N CYS A 7 -4.92 -0.43 1.49
CA CYS A 7 -4.00 -0.48 0.36
C CYS A 7 -4.71 -0.10 -0.93
N GLN A 8 -4.16 0.89 -1.63
CA GLN A 8 -4.74 1.35 -2.89
C GLN A 8 -4.94 0.18 -3.85
N VAL A 9 -3.94 -0.69 -3.93
CA VAL A 9 -3.99 -1.85 -4.82
C VAL A 9 -5.16 -2.77 -4.44
N GLU A 10 -6.22 -2.72 -5.25
CA GLU A 10 -7.40 -3.53 -5.01
C GLU A 10 -7.02 -5.01 -4.90
N HIS A 11 -5.95 -5.39 -5.60
CA HIS A 11 -5.49 -6.77 -5.59
C HIS A 11 -5.11 -7.21 -4.18
N CYS A 12 -4.61 -6.26 -3.39
CA CYS A 12 -4.20 -6.55 -2.02
C CYS A 12 -5.31 -7.27 -1.26
N ARG A 13 -4.95 -7.89 -0.14
CA ARG A 13 -5.92 -8.61 0.68
C ARG A 13 -6.52 -7.70 1.75
N GLN A 14 -7.57 -8.18 2.40
CA GLN A 14 -8.24 -7.40 3.44
C GLN A 14 -7.51 -7.55 4.78
N ARG A 15 -6.84 -8.68 4.96
CA ARG A 15 -6.10 -8.95 6.19
C ARG A 15 -5.25 -7.75 6.58
N ASP A 16 -5.01 -7.61 7.88
CA ASP A 16 -4.20 -6.50 8.39
C ASP A 16 -2.84 -6.45 7.69
N PHE A 17 -2.35 -5.25 7.45
CA PHE A 17 -1.06 -5.06 6.78
C PHE A 17 -0.33 -3.84 7.34
N LEU A 18 0.93 -3.70 6.97
CA LEU A 18 1.75 -2.58 7.43
C LEU A 18 1.41 -1.31 6.66
N PRO A 19 0.85 -0.32 7.35
CA PRO A 19 0.47 0.96 6.75
C PRO A 19 1.69 1.80 6.36
N PHE A 20 1.91 1.96 5.07
CA PHE A 20 3.04 2.73 4.56
C PHE A 20 2.64 3.53 3.33
N VAL A 21 2.52 4.84 3.50
CA VAL A 21 2.15 5.73 2.40
C VAL A 21 3.39 6.27 1.69
N CYS A 22 3.28 6.46 0.38
CA CYS A 22 4.38 6.98 -0.42
C CYS A 22 4.40 8.50 -0.40
N ASP A 23 5.58 9.07 -0.15
CA ASP A 23 5.73 10.52 -0.10
C ASP A 23 5.14 11.17 -1.35
N ASP A 24 5.43 10.59 -2.51
CA ASP A 24 4.94 11.11 -3.78
C ASP A 24 3.54 10.59 -4.06
N CYS A 25 3.29 9.33 -3.72
CA CYS A 25 1.99 8.71 -3.95
C CYS A 25 1.19 8.64 -2.64
N SER A 26 0.19 9.51 -2.52
CA SER A 26 -0.64 9.55 -1.33
C SER A 26 -1.27 8.19 -1.06
N GLY A 27 -1.54 7.45 -2.12
CA GLY A 27 -2.14 6.13 -1.98
C GLY A 27 -1.42 5.28 -0.95
N ILE A 28 -2.17 4.55 -0.15
CA ILE A 28 -1.60 3.68 0.87
C ILE A 28 -0.82 2.53 0.25
N PHE A 29 0.23 2.11 0.93
CA PHE A 29 1.07 1.01 0.44
C PHE A 29 1.52 0.12 1.59
N CYS A 30 1.81 -1.14 1.28
CA CYS A 30 2.26 -2.10 2.28
C CYS A 30 3.76 -2.30 2.20
N LEU A 31 4.33 -2.86 3.28
CA LEU A 31 5.77 -3.10 3.34
C LEU A 31 6.17 -4.24 2.40
N GLU A 32 5.33 -5.26 2.33
CA GLU A 32 5.58 -6.41 1.47
C GLU A 32 5.25 -6.08 0.00
N HIS A 33 4.17 -5.34 -0.19
CA HIS A 33 3.73 -4.96 -1.53
C HIS A 33 4.90 -4.37 -2.33
N ARG A 34 5.80 -3.68 -1.64
CA ARG A 34 6.96 -3.08 -2.27
C ARG A 34 7.74 -4.10 -3.08
N SER A 35 8.04 -5.24 -2.45
CA SER A 35 8.78 -6.30 -3.11
C SER A 35 8.09 -6.74 -4.41
N ARG A 36 6.78 -6.90 -4.35
CA ARG A 36 6.00 -7.31 -5.50
C ARG A 36 6.04 -6.24 -6.58
N GLU A 37 6.13 -4.98 -6.16
CA GLU A 37 6.17 -3.86 -7.10
C GLU A 37 4.91 -3.81 -7.95
N SER A 38 3.77 -4.07 -7.32
CA SER A 38 2.49 -4.07 -8.02
C SER A 38 1.99 -2.65 -8.24
N HIS A 39 2.47 -1.73 -7.41
CA HIS A 39 2.08 -0.33 -7.51
C HIS A 39 2.96 0.41 -8.50
N GLY A 40 4.23 0.04 -8.56
CA GLY A 40 5.16 0.68 -9.47
C GLY A 40 5.61 2.04 -8.98
N CYS A 41 5.99 2.12 -7.72
CA CYS A 41 6.44 3.37 -7.12
C CYS A 41 7.48 4.05 -8.00
N PRO A 42 7.42 5.39 -8.06
CA PRO A 42 8.35 6.19 -8.86
C PRO A 42 9.77 6.16 -8.30
N GLU A 43 9.88 6.05 -6.99
CA GLU A 43 11.19 6.02 -6.33
C GLU A 43 11.52 4.60 -5.87
N VAL A 44 11.10 3.61 -6.65
CA VAL A 44 11.36 2.21 -6.33
C VAL A 44 11.55 1.37 -7.59
ZN ZN B . -1.03 -3.74 -0.33
ZN ZN C . 4.27 4.93 -4.39
N GLY A 1 -12.43 9.18 12.58
CA GLY A 1 -11.21 9.29 13.35
C GLY A 1 -10.33 8.06 13.22
N GLY A 2 -9.04 8.28 12.97
CA GLY A 2 -8.11 7.17 12.82
C GLY A 2 -8.00 6.71 11.39
N SER A 3 -6.93 5.99 11.09
CA SER A 3 -6.70 5.47 9.74
C SER A 3 -7.84 4.54 9.32
N GLY A 4 -8.51 4.91 8.23
CA GLY A 4 -9.62 4.11 7.73
C GLY A 4 -9.52 3.86 6.24
N GLN A 5 -8.33 3.49 5.78
CA GLN A 5 -8.12 3.22 4.37
C GLN A 5 -7.34 1.92 4.18
N HIS A 6 -7.59 1.25 3.05
CA HIS A 6 -6.91 0.00 2.75
C HIS A 6 -5.97 0.16 1.56
N CYS A 7 -5.18 -0.87 1.28
CA CYS A 7 -4.23 -0.84 0.17
C CYS A 7 -4.94 -0.43 -1.13
N GLN A 8 -4.37 0.57 -1.81
CA GLN A 8 -4.93 1.04 -3.05
C GLN A 8 -5.05 -0.08 -4.08
N VAL A 9 -4.00 -0.90 -4.17
CA VAL A 9 -3.98 -2.02 -5.10
C VAL A 9 -5.12 -2.99 -4.83
N GLU A 10 -6.14 -2.95 -5.67
CA GLU A 10 -7.30 -3.82 -5.51
C GLU A 10 -6.87 -5.29 -5.47
N HIS A 11 -5.77 -5.60 -6.13
CA HIS A 11 -5.24 -6.96 -6.17
C HIS A 11 -4.89 -7.44 -4.76
N CYS A 12 -4.47 -6.52 -3.91
CA CYS A 12 -4.11 -6.85 -2.53
C CYS A 12 -5.21 -7.66 -1.86
N ARG A 13 -4.87 -8.30 -0.75
CA ARG A 13 -5.82 -9.12 -0.01
C ARG A 13 -6.51 -8.30 1.07
N GLN A 14 -7.54 -8.89 1.69
CA GLN A 14 -8.27 -8.21 2.74
C GLN A 14 -7.58 -8.38 4.10
N ARG A 15 -6.84 -9.48 4.23
CA ARG A 15 -6.13 -9.76 5.47
C ARG A 15 -5.34 -8.54 5.94
N ASP A 16 -5.07 -8.48 7.24
CA ASP A 16 -4.33 -7.36 7.81
C ASP A 16 -3.03 -7.13 7.06
N PHE A 17 -2.61 -5.87 6.97
CA PHE A 17 -1.38 -5.52 6.27
C PHE A 17 -0.69 -4.35 6.96
N LEU A 18 0.57 -4.10 6.58
CA LEU A 18 1.34 -3.01 7.16
C LEU A 18 1.00 -1.68 6.50
N PRO A 19 0.49 -0.73 7.29
CA PRO A 19 0.11 0.59 6.81
C PRO A 19 1.32 1.44 6.42
N PHE A 20 1.57 1.52 5.11
CA PHE A 20 2.70 2.29 4.60
C PHE A 20 2.27 3.19 3.45
N VAL A 21 2.14 4.48 3.73
CA VAL A 21 1.73 5.45 2.71
C VAL A 21 2.94 6.10 2.05
N CYS A 22 2.81 6.39 0.76
CA CYS A 22 3.90 7.01 0.01
C CYS A 22 3.81 8.53 0.08
N ASP A 23 4.94 9.17 0.37
CA ASP A 23 4.99 10.62 0.47
C ASP A 23 4.42 11.28 -0.79
N ASP A 24 4.81 10.75 -1.94
CA ASP A 24 4.34 11.27 -3.22
C ASP A 24 2.98 10.67 -3.59
N CYS A 25 2.80 9.39 -3.27
CA CYS A 25 1.55 8.70 -3.57
C CYS A 25 0.71 8.54 -2.32
N SER A 26 -0.29 9.41 -2.16
CA SER A 26 -1.16 9.36 -0.99
C SER A 26 -1.75 7.97 -0.82
N GLY A 27 -1.95 7.26 -1.93
CA GLY A 27 -2.50 5.93 -1.87
C GLY A 27 -1.79 5.04 -0.86
N ILE A 28 -2.55 4.25 -0.12
CA ILE A 28 -1.98 3.37 0.88
C ILE A 28 -1.15 2.27 0.23
N PHE A 29 -0.10 1.83 0.92
CA PHE A 29 0.77 0.79 0.41
C PHE A 29 1.24 -0.13 1.53
N CYS A 30 1.55 -1.37 1.18
CA CYS A 30 2.00 -2.35 2.16
C CYS A 30 3.51 -2.54 2.09
N LEU A 31 4.08 -3.14 3.13
CA LEU A 31 5.53 -3.38 3.18
C LEU A 31 5.93 -4.46 2.19
N GLU A 32 5.20 -5.57 2.20
CA GLU A 32 5.49 -6.68 1.29
C GLU A 32 5.17 -6.31 -0.15
N HIS A 33 4.15 -5.47 -0.32
CA HIS A 33 3.74 -5.03 -1.65
C HIS A 33 4.90 -4.38 -2.40
N ARG A 34 5.76 -3.70 -1.65
CA ARG A 34 6.91 -3.03 -2.24
C ARG A 34 7.75 -4.00 -3.07
N SER A 35 8.09 -5.13 -2.47
CA SER A 35 8.89 -6.15 -3.15
C SER A 35 8.23 -6.58 -4.45
N ARG A 36 6.90 -6.62 -4.45
CA ARG A 36 6.15 -7.02 -5.63
C ARG A 36 6.20 -5.93 -6.71
N GLU A 37 6.22 -4.67 -6.26
CA GLU A 37 6.29 -3.54 -7.19
C GLU A 37 5.03 -3.48 -8.04
N SER A 38 3.89 -3.84 -7.44
CA SER A 38 2.62 -3.82 -8.16
C SER A 38 2.10 -2.40 -8.31
N HIS A 39 2.53 -1.51 -7.42
CA HIS A 39 2.12 -0.12 -7.46
C HIS A 39 3.02 0.69 -8.38
N GLY A 40 4.30 0.33 -8.39
CA GLY A 40 5.27 1.04 -9.23
C GLY A 40 5.65 2.39 -8.66
N CYS A 41 5.98 2.41 -7.37
CA CYS A 41 6.37 3.64 -6.70
C CYS A 41 7.45 4.37 -7.49
N PRO A 42 7.38 5.71 -7.50
CA PRO A 42 8.35 6.54 -8.21
C PRO A 42 9.73 6.52 -7.56
N GLU A 43 9.76 6.31 -6.25
CA GLU A 43 11.01 6.26 -5.51
C GLU A 43 10.93 5.28 -4.34
N VAL A 44 10.43 4.09 -4.61
CA VAL A 44 10.28 3.07 -3.58
C VAL A 44 11.59 2.87 -2.82
ZN ZN B . -1.16 -3.97 -0.60
ZN ZN C . 4.04 5.05 -4.02
N GLY A 1 -13.97 6.98 8.26
CA GLY A 1 -14.32 7.85 9.36
C GLY A 1 -13.58 7.50 10.65
N GLY A 2 -12.31 7.16 10.52
CA GLY A 2 -11.52 6.79 11.68
C GLY A 2 -10.59 5.63 11.41
N SER A 3 -9.31 5.91 11.26
CA SER A 3 -8.32 4.88 10.99
C SER A 3 -8.74 4.01 9.81
N GLY A 4 -9.37 4.65 8.82
CA GLY A 4 -9.82 3.92 7.64
C GLY A 4 -8.78 3.91 6.53
N GLN A 5 -7.81 3.01 6.63
CA GLN A 5 -6.76 2.91 5.63
C GLN A 5 -6.75 1.52 5.00
N HIS A 6 -6.78 1.49 3.67
CA HIS A 6 -6.77 0.23 2.93
C HIS A 6 -5.85 0.31 1.71
N CYS A 7 -5.12 -0.77 1.45
CA CYS A 7 -4.21 -0.82 0.32
C CYS A 7 -4.93 -0.47 -0.98
N GLN A 8 -4.36 0.46 -1.73
CA GLN A 8 -4.94 0.90 -3.00
C GLN A 8 -5.02 -0.26 -3.99
N VAL A 9 -3.96 -1.07 -4.03
CA VAL A 9 -3.91 -2.21 -4.93
C VAL A 9 -5.03 -3.21 -4.62
N GLU A 10 -5.96 -3.35 -5.57
CA GLU A 10 -7.07 -4.27 -5.39
C GLU A 10 -6.59 -5.72 -5.28
N HIS A 11 -5.44 -5.99 -5.90
CA HIS A 11 -4.87 -7.33 -5.87
C HIS A 11 -4.55 -7.75 -4.44
N CYS A 12 -4.25 -6.78 -3.59
CA CYS A 12 -3.92 -7.04 -2.20
C CYS A 12 -4.96 -7.94 -1.55
N ARG A 13 -4.63 -8.50 -0.40
CA ARG A 13 -5.54 -9.39 0.32
C ARG A 13 -6.25 -8.65 1.45
N GLN A 14 -7.18 -9.33 2.11
CA GLN A 14 -7.92 -8.73 3.21
C GLN A 14 -7.14 -8.83 4.52
N ARG A 15 -6.28 -9.84 4.61
CA ARG A 15 -5.47 -10.04 5.81
C ARG A 15 -4.80 -8.74 6.24
N ASP A 16 -4.56 -8.60 7.53
CA ASP A 16 -3.93 -7.40 8.08
C ASP A 16 -2.64 -7.10 7.33
N PHE A 17 -2.30 -5.81 7.23
CA PHE A 17 -1.08 -5.39 6.55
C PHE A 17 -0.48 -4.17 7.23
N LEU A 18 0.77 -3.87 6.88
CA LEU A 18 1.47 -2.73 7.45
C LEU A 18 1.13 -1.44 6.71
N PRO A 19 0.62 -0.44 7.44
CA PRO A 19 0.25 0.86 6.86
C PRO A 19 1.46 1.67 6.42
N PHE A 20 1.64 1.80 5.11
CA PHE A 20 2.76 2.55 4.56
C PHE A 20 2.33 3.38 3.36
N VAL A 21 2.22 4.69 3.57
CA VAL A 21 1.80 5.60 2.51
C VAL A 21 3.01 6.22 1.82
N CYS A 22 2.90 6.45 0.52
CA CYS A 22 3.98 7.05 -0.26
C CYS A 22 3.87 8.57 -0.26
N ASP A 23 4.98 9.24 0.04
CA ASP A 23 5.01 10.70 0.07
C ASP A 23 4.44 11.28 -1.21
N ASP A 24 4.86 10.70 -2.34
CA ASP A 24 4.39 11.17 -3.65
C ASP A 24 3.05 10.54 -3.99
N CYS A 25 2.87 9.28 -3.63
CA CYS A 25 1.63 8.56 -3.91
C CYS A 25 0.78 8.44 -2.65
N SER A 26 -0.21 9.32 -2.53
CA SER A 26 -1.09 9.32 -1.37
C SER A 26 -1.69 7.93 -1.14
N GLY A 27 -1.87 7.18 -2.22
CA GLY A 27 -2.42 5.85 -2.12
C GLY A 27 -1.71 5.01 -1.08
N ILE A 28 -2.48 4.30 -0.25
CA ILE A 28 -1.91 3.45 0.79
C ILE A 28 -1.08 2.32 0.18
N PHE A 29 -0.05 1.90 0.91
CA PHE A 29 0.82 0.83 0.45
C PHE A 29 1.28 -0.04 1.62
N CYS A 30 1.58 -1.30 1.32
CA CYS A 30 2.03 -2.24 2.35
C CYS A 30 3.54 -2.43 2.29
N LEU A 31 4.10 -2.98 3.36
CA LEU A 31 5.54 -3.22 3.43
C LEU A 31 5.95 -4.35 2.49
N GLU A 32 5.21 -5.46 2.53
CA GLU A 32 5.50 -6.61 1.69
C GLU A 32 5.19 -6.29 0.23
N HIS A 33 4.17 -5.46 0.02
CA HIS A 33 3.76 -5.08 -1.33
C HIS A 33 4.93 -4.47 -2.11
N ARG A 34 5.79 -3.76 -1.40
CA ARG A 34 6.94 -3.12 -2.00
C ARG A 34 7.78 -4.15 -2.77
N SER A 35 8.03 -5.29 -2.15
CA SER A 35 8.82 -6.34 -2.77
C SER A 35 8.23 -6.75 -4.12
N ARG A 36 6.90 -6.92 -4.14
CA ARG A 36 6.21 -7.31 -5.36
C ARG A 36 6.25 -6.20 -6.39
N GLU A 37 6.23 -4.96 -5.91
CA GLU A 37 6.27 -3.79 -6.80
C GLU A 37 5.02 -3.74 -7.67
N SER A 38 3.89 -4.15 -7.10
CA SER A 38 2.63 -4.16 -7.84
C SER A 38 2.12 -2.73 -8.07
N HIS A 39 2.57 -1.81 -7.22
CA HIS A 39 2.17 -0.41 -7.34
C HIS A 39 3.08 0.33 -8.31
N GLY A 40 4.36 -0.04 -8.32
CA GLY A 40 5.32 0.61 -9.20
C GLY A 40 5.71 1.99 -8.71
N CYS A 41 6.04 2.09 -7.43
CA CYS A 41 6.44 3.35 -6.83
C CYS A 41 7.50 4.04 -7.69
N PRO A 42 7.43 5.37 -7.77
CA PRO A 42 8.37 6.18 -8.55
C PRO A 42 9.76 6.21 -7.93
N GLU A 43 9.81 6.11 -6.61
CA GLU A 43 11.08 6.11 -5.89
C GLU A 43 11.42 4.72 -5.36
N VAL A 44 11.07 3.71 -6.15
CA VAL A 44 11.34 2.32 -5.77
C VAL A 44 11.60 1.46 -7.00
ZN ZN B . -1.16 -4.01 -0.33
ZN ZN C . 4.16 4.92 -4.18
N GLY A 1 -12.54 4.72 13.77
CA GLY A 1 -13.85 5.23 13.43
C GLY A 1 -14.45 4.52 12.24
N GLY A 2 -13.86 4.71 11.06
CA GLY A 2 -14.36 4.08 9.87
C GLY A 2 -13.50 2.92 9.42
N SER A 3 -13.08 2.93 8.16
CA SER A 3 -12.26 1.86 7.61
C SER A 3 -10.82 1.99 8.09
N GLY A 4 -10.30 3.22 8.07
CA GLY A 4 -8.93 3.46 8.50
C GLY A 4 -7.97 3.65 7.34
N GLN A 5 -7.38 2.56 6.88
CA GLN A 5 -6.44 2.62 5.77
C GLN A 5 -6.44 1.31 4.98
N HIS A 6 -6.84 1.39 3.72
CA HIS A 6 -6.90 0.22 2.86
C HIS A 6 -5.94 0.36 1.68
N CYS A 7 -5.16 -0.69 1.42
CA CYS A 7 -4.21 -0.68 0.33
C CYS A 7 -4.88 -0.30 -0.98
N GLN A 8 -4.31 0.69 -1.67
CA GLN A 8 -4.87 1.15 -2.94
C GLN A 8 -5.00 0.00 -3.92
N VAL A 9 -3.97 -0.84 -4.00
CA VAL A 9 -3.98 -1.99 -4.90
C VAL A 9 -5.14 -2.92 -4.58
N GLU A 10 -6.12 -2.96 -5.48
CA GLU A 10 -7.29 -3.82 -5.30
C GLU A 10 -6.87 -5.29 -5.17
N HIS A 11 -5.76 -5.63 -5.81
CA HIS A 11 -5.26 -7.00 -5.78
C HIS A 11 -4.93 -7.43 -4.35
N CYS A 12 -4.52 -6.46 -3.54
CA CYS A 12 -4.17 -6.73 -2.14
C CYS A 12 -5.28 -7.52 -1.45
N ARG A 13 -4.97 -8.09 -0.30
CA ARG A 13 -5.93 -8.88 0.46
C ARG A 13 -6.57 -8.03 1.56
N GLN A 14 -7.58 -8.59 2.23
CA GLN A 14 -8.27 -7.89 3.30
C GLN A 14 -7.52 -8.04 4.62
N ARG A 15 -6.79 -9.14 4.75
CA ARG A 15 -6.02 -9.41 5.96
C ARG A 15 -5.21 -8.18 6.38
N ASP A 16 -4.92 -8.07 7.67
CA ASP A 16 -4.15 -6.94 8.19
C ASP A 16 -2.86 -6.77 7.43
N PHE A 17 -2.43 -5.52 7.28
CA PHE A 17 -1.19 -5.22 6.56
C PHE A 17 -0.46 -4.03 7.20
N LEU A 18 0.78 -3.83 6.81
CA LEU A 18 1.58 -2.73 7.34
C LEU A 18 1.26 -1.43 6.62
N PRO A 19 0.80 -0.43 7.38
CA PRO A 19 0.44 0.89 6.83
C PRO A 19 1.67 1.67 6.38
N PHE A 20 1.88 1.74 5.07
CA PHE A 20 3.01 2.47 4.53
C PHE A 20 2.58 3.35 3.35
N VAL A 21 2.47 4.65 3.60
CA VAL A 21 2.07 5.60 2.57
C VAL A 21 3.29 6.20 1.87
N CYS A 22 3.14 6.46 0.58
CA CYS A 22 4.23 7.04 -0.21
C CYS A 22 4.17 8.56 -0.19
N ASP A 23 5.30 9.20 0.10
CA ASP A 23 5.38 10.65 0.14
C ASP A 23 4.81 11.27 -1.13
N ASP A 24 5.18 10.70 -2.27
CA ASP A 24 4.71 11.19 -3.55
C ASP A 24 3.33 10.61 -3.89
N CYS A 25 3.14 9.35 -3.53
CA CYS A 25 1.87 8.67 -3.80
C CYS A 25 1.03 8.56 -2.53
N SER A 26 0.05 9.45 -2.39
CA SER A 26 -0.81 9.45 -1.22
C SER A 26 -1.42 8.07 -0.99
N GLY A 27 -1.65 7.34 -2.07
CA GLY A 27 -2.22 6.01 -1.97
C GLY A 27 -1.51 5.15 -0.95
N ILE A 28 -2.29 4.42 -0.16
CA ILE A 28 -1.72 3.54 0.87
C ILE A 28 -0.94 2.39 0.24
N PHE A 29 0.13 1.98 0.91
CA PHE A 29 0.96 0.89 0.41
C PHE A 29 1.42 0.00 1.57
N CYS A 30 1.68 -1.27 1.26
CA CYS A 30 2.12 -2.23 2.27
C CYS A 30 3.62 -2.46 2.16
N LEU A 31 4.21 -3.03 3.21
CA LEU A 31 5.64 -3.31 3.24
C LEU A 31 5.99 -4.45 2.29
N GLU A 32 5.23 -5.54 2.37
CA GLU A 32 5.45 -6.70 1.51
C GLU A 32 5.11 -6.37 0.06
N HIS A 33 4.11 -5.51 -0.13
CA HIS A 33 3.69 -5.12 -1.47
C HIS A 33 4.85 -4.54 -2.27
N ARG A 34 5.75 -3.84 -1.57
CA ARG A 34 6.90 -3.22 -2.21
C ARG A 34 7.70 -4.26 -3.00
N SER A 35 7.89 -5.43 -2.40
CA SER A 35 8.64 -6.50 -3.04
C SER A 35 8.05 -6.85 -4.39
N ARG A 36 6.73 -6.96 -4.43
CA ARG A 36 6.03 -7.29 -5.67
C ARG A 36 6.06 -6.12 -6.65
N GLU A 37 6.04 -4.90 -6.10
CA GLU A 37 6.06 -3.70 -6.92
C GLU A 37 4.81 -3.60 -7.78
N SER A 38 3.68 -4.04 -7.22
CA SER A 38 2.40 -4.01 -7.94
C SER A 38 1.94 -2.57 -8.14
N HIS A 39 2.42 -1.66 -7.29
CA HIS A 39 2.06 -0.26 -7.38
C HIS A 39 2.98 0.48 -8.36
N GLY A 40 4.25 0.09 -8.39
CA GLY A 40 5.21 0.72 -9.27
C GLY A 40 5.66 2.07 -8.75
N CYS A 41 6.01 2.12 -7.47
CA CYS A 41 6.47 3.37 -6.86
C CYS A 41 7.56 4.02 -7.71
N PRO A 42 7.54 5.36 -7.76
CA PRO A 42 8.52 6.14 -8.53
C PRO A 42 9.91 6.08 -7.91
N GLU A 43 9.97 5.94 -6.60
CA GLU A 43 11.25 5.87 -5.89
C GLU A 43 11.14 4.97 -4.66
N VAL A 44 10.59 3.78 -4.86
CA VAL A 44 10.43 2.82 -3.78
C VAL A 44 11.75 2.61 -3.03
ZN ZN B . -1.16 -3.84 -0.37
ZN ZN C . 4.28 4.96 -4.17
#